data_8BCS
# 
_entry.id   8BCS 
# 
_audit_conform.dict_name       mmcif_pdbx.dic 
_audit_conform.dict_version    5.397 
_audit_conform.dict_location   http://mmcif.pdb.org/dictionaries/ascii/mmcif_pdbx.dic 
# 
loop_
_database_2.database_id 
_database_2.database_code 
_database_2.pdbx_database_accession 
_database_2.pdbx_DOI 
PDB   8BCS         pdb_00008bcs 10.2210/pdb8bcs/pdb 
WWPDB D_1292125578 ?            ?                   
# 
loop_
_pdbx_audit_revision_history.ordinal 
_pdbx_audit_revision_history.data_content_type 
_pdbx_audit_revision_history.major_revision 
_pdbx_audit_revision_history.minor_revision 
_pdbx_audit_revision_history.revision_date 
1 'Structure model' 1 0 2023-06-07 
2 'Structure model' 1 1 2023-06-28 
3 'Structure model' 1 2 2024-02-07 
4 'Structure model' 1 3 2024-10-16 
# 
_pdbx_audit_revision_details.ordinal             1 
_pdbx_audit_revision_details.revision_ordinal    1 
_pdbx_audit_revision_details.data_content_type   'Structure model' 
_pdbx_audit_revision_details.provider            repository 
_pdbx_audit_revision_details.type                'Initial release' 
_pdbx_audit_revision_details.description         ? 
_pdbx_audit_revision_details.details             ? 
# 
loop_
_pdbx_audit_revision_group.ordinal 
_pdbx_audit_revision_group.revision_ordinal 
_pdbx_audit_revision_group.data_content_type 
_pdbx_audit_revision_group.group 
1 2 'Structure model' 'Database references'    
2 3 'Structure model' 'Data collection'        
3 3 'Structure model' 'Refinement description' 
4 4 'Structure model' 'Structure summary'      
# 
loop_
_pdbx_audit_revision_category.ordinal 
_pdbx_audit_revision_category.revision_ordinal 
_pdbx_audit_revision_category.data_content_type 
_pdbx_audit_revision_category.category 
1 2 'Structure model' citation                      
2 2 'Structure model' citation_author               
3 3 'Structure model' chem_comp_atom                
4 3 'Structure model' chem_comp_bond                
5 3 'Structure model' pdbx_initial_refinement_model 
6 4 'Structure model' pdbx_entry_details            
# 
loop_
_pdbx_audit_revision_item.ordinal 
_pdbx_audit_revision_item.revision_ordinal 
_pdbx_audit_revision_item.data_content_type 
_pdbx_audit_revision_item.item 
1 2 'Structure model' '_citation.journal_volume'                     
2 2 'Structure model' '_citation.page_first'                         
3 2 'Structure model' '_citation.page_last'                          
4 2 'Structure model' '_citation_author.identifier_ORCID'            
5 4 'Structure model' '_pdbx_entry_details.has_protein_modification' 
# 
_pdbx_database_status.status_code                     REL 
_pdbx_database_status.status_code_sf                  REL 
_pdbx_database_status.status_code_mr                  ? 
_pdbx_database_status.entry_id                        8BCS 
_pdbx_database_status.recvd_initial_deposition_date   2022-10-17 
_pdbx_database_status.SG_entry                        N 
_pdbx_database_status.deposit_site                    PDBE 
_pdbx_database_status.process_site                    PDBE 
_pdbx_database_status.status_code_cs                  ? 
_pdbx_database_status.status_code_nmr_data            ? 
_pdbx_database_status.methods_development_category    ? 
_pdbx_database_status.pdb_format_compatible           Y 
# 
_pdbx_contact_author.id                 2 
_pdbx_contact_author.email              d.n.woolfson@bristol.ac.uk 
_pdbx_contact_author.name_first         Derek 
_pdbx_contact_author.name_last          Wolfsoon 
_pdbx_contact_author.name_mi            N. 
_pdbx_contact_author.role               'principal investigator/group leader' 
_pdbx_contact_author.identifier_ORCID   0000-0002-0394-3202 
# 
loop_
_audit_author.name 
_audit_author.pdbx_ordinal 
_audit_author.identifier_ORCID 
'Edgell, C.L.'   1 ?                   
'Mylemans, B.'   2 0000-0003-3842-2308 
'Naudin, E.A.'   3 0000-0002-1318-3366 
'Smith, A.J.'    4 0000-0003-0273-9813 
'Savery, N.J.'   5 0000-0002-0803-4075 
'Woolfson, D.N.' 6 0000-0002-0394-3202 
# 
_citation.abstract                  ? 
_citation.abstract_id_CAS           ? 
_citation.book_id_ISBN              ? 
_citation.book_publisher            ? 
_citation.book_publisher_city       ? 
_citation.book_title                ? 
_citation.coordinate_linkage        ? 
_citation.country                   US 
_citation.database_id_Medline       ? 
_citation.details                   ? 
_citation.id                        primary 
_citation.journal_abbrev            'Acs Synth Biol' 
_citation.journal_id_ASTM           ? 
_citation.journal_id_CSD            ? 
_citation.journal_id_ISSN           2161-5063 
_citation.journal_full              ? 
_citation.journal_issue             ? 
_citation.journal_volume            12 
_citation.language                  ? 
_citation.page_first                1845 
_citation.page_last                 1858 
_citation.title                     'Design and Selection of Heterodimerizing Helical Hairpins for Synthetic Biology.' 
_citation.year                      2023 
_citation.database_id_CSD           ? 
_citation.pdbx_database_id_DOI      10.1021/acssynbio.3c00231 
_citation.pdbx_database_id_PubMed   37224449 
_citation.pdbx_database_id_patent   ? 
_citation.unpublished_flag          ? 
# 
loop_
_citation_author.citation_id 
_citation_author.name 
_citation_author.ordinal 
_citation_author.identifier_ORCID 
primary 'Smith, A.J.'     1  ? 
primary 'Naudin, E.A.'    2  ? 
primary 'Edgell, C.L.'    3  ? 
primary 'Baker, E.G.'     4  ? 
primary 'Mylemans, B.'    5  ? 
primary 'FitzPatrick, L.' 6  ? 
primary 'Herman, A.'      7  ? 
primary 'Rice, H.M.'      8  ? 
primary 'Andrews, D.M.'   9  ? 
primary 'Tigue, N.'       10 ? 
primary 'Woolfson, D.N.'  11 ? 
primary 'Savery, N.J.'    12 ? 
# 
loop_
_entity.id 
_entity.type 
_entity.src_method 
_entity.pdbx_description 
_entity.formula_weight 
_entity.pdbx_number_of_molecules 
_entity.pdbx_ec 
_entity.pdbx_mutation 
_entity.pdbx_fragment 
_entity.details 
1 polymer     syn CC-HP1.0      5275.271 1 ? ? ? ? 
2 non-polymer syn 'ACETATE ION' 59.044   1 ? ? ? ? 
# 
_entity_poly.entity_id                      1 
_entity_poly.type                           'polypeptide(L)' 
_entity_poly.nstd_linkage                   no 
_entity_poly.nstd_monomer                   yes 
_entity_poly.pdbx_seq_one_letter_code       '(ACE)GELEALAKKLKALAWKLKALSKEPSAQELEALAQELEALAKKLKALAQG(NH2)' 
_entity_poly.pdbx_seq_one_letter_code_can   XGELEALAKKLKALAWKLKALSKEPSAQELEALAQELEALAKKLKALAQGX 
_entity_poly.pdbx_strand_id                 A 
_entity_poly.pdbx_target_identifier         ? 
# 
_pdbx_entity_nonpoly.entity_id   2 
_pdbx_entity_nonpoly.name        'ACETATE ION' 
_pdbx_entity_nonpoly.comp_id     ACT 
# 
loop_
_entity_poly_seq.entity_id 
_entity_poly_seq.num 
_entity_poly_seq.mon_id 
_entity_poly_seq.hetero 
1 1  ACE n 
1 2  GLY n 
1 3  GLU n 
1 4  LEU n 
1 5  GLU n 
1 6  ALA n 
1 7  LEU n 
1 8  ALA n 
1 9  LYS n 
1 10 LYS n 
1 11 LEU n 
1 12 LYS n 
1 13 ALA n 
1 14 LEU n 
1 15 ALA n 
1 16 TRP n 
1 17 LYS n 
1 18 LEU n 
1 19 LYS n 
1 20 ALA n 
1 21 LEU n 
1 22 SER n 
1 23 LYS n 
1 24 GLU n 
1 25 PRO n 
1 26 SER n 
1 27 ALA n 
1 28 GLN n 
1 29 GLU n 
1 30 LEU n 
1 31 GLU n 
1 32 ALA n 
1 33 LEU n 
1 34 ALA n 
1 35 GLN n 
1 36 GLU n 
1 37 LEU n 
1 38 GLU n 
1 39 ALA n 
1 40 LEU n 
1 41 ALA n 
1 42 LYS n 
1 43 LYS n 
1 44 LEU n 
1 45 LYS n 
1 46 ALA n 
1 47 LEU n 
1 48 ALA n 
1 49 GLN n 
1 50 GLY n 
1 51 NH2 n 
# 
_pdbx_entity_src_syn.entity_id              1 
_pdbx_entity_src_syn.pdbx_src_id            1 
_pdbx_entity_src_syn.pdbx_alt_source_flag   sample 
_pdbx_entity_src_syn.pdbx_beg_seq_num       1 
_pdbx_entity_src_syn.pdbx_end_seq_num       51 
_pdbx_entity_src_syn.organism_scientific    'synthetic construct' 
_pdbx_entity_src_syn.organism_common_name   ? 
_pdbx_entity_src_syn.ncbi_taxonomy_id       32630 
_pdbx_entity_src_syn.details                ? 
# 
loop_
_chem_comp.id 
_chem_comp.type 
_chem_comp.mon_nstd_flag 
_chem_comp.name 
_chem_comp.pdbx_synonyms 
_chem_comp.formula 
_chem_comp.formula_weight 
ACE non-polymer         . 'ACETYL GROUP'  ? 'C2 H4 O'        44.053  
ACT non-polymer         . 'ACETATE ION'   ? 'C2 H3 O2 -1'    59.044  
ALA 'L-peptide linking' y ALANINE         ? 'C3 H7 N O2'     89.093  
GLN 'L-peptide linking' y GLUTAMINE       ? 'C5 H10 N2 O3'   146.144 
GLU 'L-peptide linking' y 'GLUTAMIC ACID' ? 'C5 H9 N O4'     147.129 
GLY 'peptide linking'   y GLYCINE         ? 'C2 H5 N O2'     75.067  
LEU 'L-peptide linking' y LEUCINE         ? 'C6 H13 N O2'    131.173 
LYS 'L-peptide linking' y LYSINE          ? 'C6 H15 N2 O2 1' 147.195 
NH2 non-polymer         . 'AMINO GROUP'   ? 'H2 N'           16.023  
PRO 'L-peptide linking' y PROLINE         ? 'C5 H9 N O2'     115.130 
SER 'L-peptide linking' y SERINE          ? 'C3 H7 N O3'     105.093 
TRP 'L-peptide linking' y TRYPTOPHAN      ? 'C11 H12 N2 O2'  204.225 
# 
loop_
_pdbx_poly_seq_scheme.asym_id 
_pdbx_poly_seq_scheme.entity_id 
_pdbx_poly_seq_scheme.seq_id 
_pdbx_poly_seq_scheme.mon_id 
_pdbx_poly_seq_scheme.ndb_seq_num 
_pdbx_poly_seq_scheme.pdb_seq_num 
_pdbx_poly_seq_scheme.auth_seq_num 
_pdbx_poly_seq_scheme.pdb_mon_id 
_pdbx_poly_seq_scheme.auth_mon_id 
_pdbx_poly_seq_scheme.pdb_strand_id 
_pdbx_poly_seq_scheme.pdb_ins_code 
_pdbx_poly_seq_scheme.hetero 
A 1 1  ACE 1  0  ?  ?   ?   A . n 
A 1 2  GLY 2  1  1  GLY GLY A . n 
A 1 3  GLU 3  2  2  GLU GLU A . n 
A 1 4  LEU 4  3  3  LEU LEU A . n 
A 1 5  GLU 5  4  4  GLU GLU A . n 
A 1 6  ALA 6  5  5  ALA ALA A . n 
A 1 7  LEU 7  6  6  LEU LEU A . n 
A 1 8  ALA 8  7  7  ALA ALA A . n 
A 1 9  LYS 9  8  8  LYS LYS A . n 
A 1 10 LYS 10 9  9  LYS LYS A . n 
A 1 11 LEU 11 10 10 LEU LEU A . n 
A 1 12 LYS 12 11 11 LYS LYS A . n 
A 1 13 ALA 13 12 12 ALA ALA A . n 
A 1 14 LEU 14 13 13 LEU LEU A . n 
A 1 15 ALA 15 14 14 ALA ALA A . n 
A 1 16 TRP 16 15 15 TRP TRP A . n 
A 1 17 LYS 17 16 16 LYS LYS A . n 
A 1 18 LEU 18 17 17 LEU LEU A . n 
A 1 19 LYS 19 18 18 LYS LYS A . n 
A 1 20 ALA 20 19 19 ALA ALA A . n 
A 1 21 LEU 21 20 20 LEU LEU A . n 
A 1 22 SER 22 21 21 SER SER A . n 
A 1 23 LYS 23 22 22 LYS LYS A . n 
A 1 24 GLU 24 23 23 GLU GLU A . n 
A 1 25 PRO 25 24 24 PRO PRO A . n 
A 1 26 SER 26 25 25 SER SER A . n 
A 1 27 ALA 27 26 26 ALA ALA A . n 
A 1 28 GLN 28 27 27 GLN GLN A . n 
A 1 29 GLU 29 28 28 GLU GLU A . n 
A 1 30 LEU 30 29 29 LEU LEU A . n 
A 1 31 GLU 31 30 30 GLU GLU A . n 
A 1 32 ALA 32 31 31 ALA ALA A . n 
A 1 33 LEU 33 32 32 LEU LEU A . n 
A 1 34 ALA 34 33 33 ALA ALA A . n 
A 1 35 GLN 35 34 34 GLN GLN A . n 
A 1 36 GLU 36 35 35 GLU GLU A . n 
A 1 37 LEU 37 36 36 LEU LEU A . n 
A 1 38 GLU 38 37 37 GLU GLU A . n 
A 1 39 ALA 39 38 38 ALA ALA A . n 
A 1 40 LEU 40 39 39 LEU LEU A . n 
A 1 41 ALA 41 40 40 ALA ALA A . n 
A 1 42 LYS 42 41 41 LYS LYS A . n 
A 1 43 LYS 43 42 42 LYS LYS A . n 
A 1 44 LEU 44 43 43 LEU LEU A . n 
A 1 45 LYS 45 44 44 LYS LYS A . n 
A 1 46 ALA 46 45 45 ALA ALA A . n 
A 1 47 LEU 47 46 46 LEU LEU A . n 
A 1 48 ALA 48 47 47 ALA ALA A . n 
A 1 49 GLN 49 48 48 GLN GLN A . n 
A 1 50 GLY 50 49 49 GLY GLY A . n 
A 1 51 NH2 51 50 ?  ?   ?   A . n 
# 
_pdbx_nonpoly_scheme.asym_id         B 
_pdbx_nonpoly_scheme.entity_id       2 
_pdbx_nonpoly_scheme.mon_id          ACT 
_pdbx_nonpoly_scheme.ndb_seq_num     1 
_pdbx_nonpoly_scheme.pdb_seq_num     101 
_pdbx_nonpoly_scheme.auth_seq_num    101 
_pdbx_nonpoly_scheme.pdb_mon_id      ACT 
_pdbx_nonpoly_scheme.auth_mon_id     ACT 
_pdbx_nonpoly_scheme.pdb_strand_id   A 
_pdbx_nonpoly_scheme.pdb_ins_code    . 
# 
loop_
_pdbx_unobs_or_zero_occ_atoms.id 
_pdbx_unobs_or_zero_occ_atoms.PDB_model_num 
_pdbx_unobs_or_zero_occ_atoms.polymer_flag 
_pdbx_unobs_or_zero_occ_atoms.occupancy_flag 
_pdbx_unobs_or_zero_occ_atoms.auth_asym_id 
_pdbx_unobs_or_zero_occ_atoms.auth_comp_id 
_pdbx_unobs_or_zero_occ_atoms.auth_seq_id 
_pdbx_unobs_or_zero_occ_atoms.PDB_ins_code 
_pdbx_unobs_or_zero_occ_atoms.auth_atom_id 
_pdbx_unobs_or_zero_occ_atoms.label_alt_id 
_pdbx_unobs_or_zero_occ_atoms.label_asym_id 
_pdbx_unobs_or_zero_occ_atoms.label_comp_id 
_pdbx_unobs_or_zero_occ_atoms.label_seq_id 
_pdbx_unobs_or_zero_occ_atoms.label_atom_id 
1  1 Y 1 A GLU 2  ? CD  ? A GLU 3  CD  
2  1 Y 1 A GLU 2  ? OE1 ? A GLU 3  OE1 
3  1 Y 1 A GLU 2  ? OE2 ? A GLU 3  OE2 
4  1 Y 1 A GLU 4  ? CG  ? A GLU 5  CG  
5  1 Y 1 A GLU 4  ? CD  ? A GLU 5  CD  
6  1 Y 1 A GLU 4  ? OE1 ? A GLU 5  OE1 
7  1 Y 1 A GLU 4  ? OE2 ? A GLU 5  OE2 
8  1 Y 1 A LYS 8  ? CD  ? A LYS 9  CD  
9  1 Y 1 A LYS 8  ? CE  ? A LYS 9  CE  
10 1 Y 1 A LYS 8  ? NZ  ? A LYS 9  NZ  
11 1 Y 1 A LYS 9  ? CG  ? A LYS 10 CG  
12 1 Y 1 A LYS 9  ? CD  ? A LYS 10 CD  
13 1 Y 1 A LYS 9  ? CE  ? A LYS 10 CE  
14 1 Y 1 A LYS 9  ? NZ  ? A LYS 10 NZ  
15 1 Y 1 A LYS 11 ? CE  ? A LYS 12 CE  
16 1 Y 1 A LYS 11 ? NZ  ? A LYS 12 NZ  
17 1 Y 1 A LYS 18 ? CE  ? A LYS 19 CE  
18 1 Y 1 A LYS 18 ? NZ  ? A LYS 19 NZ  
19 1 Y 1 A LYS 22 ? CD  ? A LYS 23 CD  
20 1 Y 1 A LYS 22 ? CE  ? A LYS 23 CE  
21 1 Y 1 A LYS 22 ? NZ  ? A LYS 23 NZ  
22 1 Y 1 A GLN 27 ? CG  ? A GLN 28 CG  
23 1 Y 1 A GLN 27 ? CD  ? A GLN 28 CD  
24 1 Y 1 A GLN 27 ? OE1 ? A GLN 28 OE1 
25 1 Y 1 A GLN 27 ? NE2 ? A GLN 28 NE2 
26 1 Y 1 A GLU 30 ? CD  ? A GLU 31 CD  
27 1 Y 1 A GLU 30 ? OE1 ? A GLU 31 OE1 
28 1 Y 1 A GLU 30 ? OE2 ? A GLU 31 OE2 
29 1 Y 1 A LYS 41 ? CG  ? A LYS 42 CG  
30 1 Y 1 A LYS 41 ? CD  ? A LYS 42 CD  
31 1 Y 1 A LYS 41 ? CE  ? A LYS 42 CE  
32 1 Y 1 A LYS 41 ? NZ  ? A LYS 42 NZ  
33 1 Y 1 A LYS 42 ? CG  ? A LYS 43 CG  
34 1 Y 1 A LYS 42 ? CD  ? A LYS 43 CD  
35 1 Y 1 A LYS 42 ? CE  ? A LYS 43 CE  
36 1 Y 1 A LYS 42 ? NZ  ? A LYS 43 NZ  
37 1 Y 1 A LYS 44 ? CE  ? A LYS 45 CE  
38 1 Y 1 A LYS 44 ? NZ  ? A LYS 45 NZ  
39 1 Y 1 A GLN 48 ? CG  ? A GLN 49 CG  
40 1 Y 1 A GLN 48 ? CD  ? A GLN 49 CD  
41 1 Y 1 A GLN 48 ? OE1 ? A GLN 49 OE1 
42 1 Y 1 A GLN 48 ? NE2 ? A GLN 49 NE2 
# 
loop_
_software.citation_id 
_software.classification 
_software.compiler_name 
_software.compiler_version 
_software.contact_author 
_software.contact_author_email 
_software.date 
_software.description 
_software.dependencies 
_software.hardware 
_software.language 
_software.location 
_software.mods 
_software.name 
_software.os 
_software.os_version 
_software.type 
_software.version 
_software.pdbx_ordinal 
? refinement       ? ? ? ? ? ? ? ? ? ? ? PHENIX  ? ? ? 1.19.2_4158 1 
? 'data reduction' ? ? ? ? ? ? ? ? ? ? ? DIALS   ? ? ? .           2 
? 'data scaling'   ? ? ? ? ? ? ? ? ? ? ? Aimless ? ? ? .           3 
? phasing          ? ? ? ? ? ? ? ? ? ? ? PHASER  ? ? ? .           4 
# 
_cell.angle_alpha                  90.000 
_cell.angle_alpha_esd              ? 
_cell.angle_beta                   90.000 
_cell.angle_beta_esd               ? 
_cell.angle_gamma                  120.000 
_cell.angle_gamma_esd              ? 
_cell.entry_id                     8BCS 
_cell.details                      ? 
_cell.formula_units_Z              ? 
_cell.length_a                     36.438 
_cell.length_a_esd                 ? 
_cell.length_b                     36.438 
_cell.length_b_esd                 ? 
_cell.length_c                     59.329 
_cell.length_c_esd                 ? 
_cell.volume                       68218.611 
_cell.volume_esd                   ? 
_cell.Z_PDB                        6 
_cell.reciprocal_angle_alpha       ? 
_cell.reciprocal_angle_beta        ? 
_cell.reciprocal_angle_gamma       ? 
_cell.reciprocal_angle_alpha_esd   ? 
_cell.reciprocal_angle_beta_esd    ? 
_cell.reciprocal_angle_gamma_esd   ? 
_cell.reciprocal_length_a          ? 
_cell.reciprocal_length_b          ? 
_cell.reciprocal_length_c          ? 
_cell.reciprocal_length_a_esd      ? 
_cell.reciprocal_length_b_esd      ? 
_cell.reciprocal_length_c_esd      ? 
_cell.pdbx_unique_axis             ? 
_cell.pdbx_esd_method              ? 
# 
_symmetry.entry_id                         8BCS 
_symmetry.cell_setting                     ? 
_symmetry.Int_Tables_number                152 
_symmetry.space_group_name_Hall            
;P 31 2"
;
_symmetry.space_group_name_H-M             'P 31 2 1' 
_symmetry.pdbx_full_space_group_name_H-M   ? 
# 
_exptl.absorpt_coefficient_mu     ? 
_exptl.absorpt_correction_T_max   ? 
_exptl.absorpt_correction_T_min   ? 
_exptl.absorpt_correction_type    ? 
_exptl.absorpt_process_details    ? 
_exptl.entry_id                   8BCS 
_exptl.crystals_number            1 
_exptl.details                    ? 
_exptl.method                     'X-RAY DIFFRACTION' 
_exptl.method_details             ? 
# 
_exptl_crystal.colour                       ? 
_exptl_crystal.density_diffrn               ? 
_exptl_crystal.density_Matthews             2.16 
_exptl_crystal.density_method               ? 
_exptl_crystal.density_percent_sol          42.93 
_exptl_crystal.description                  ? 
_exptl_crystal.F_000                        ? 
_exptl_crystal.id                           1 
_exptl_crystal.preparation                  ? 
_exptl_crystal.size_max                     ? 
_exptl_crystal.size_mid                     ? 
_exptl_crystal.size_min                     ? 
_exptl_crystal.size_rad                     ? 
_exptl_crystal.colour_lustre                ? 
_exptl_crystal.colour_modifier              ? 
_exptl_crystal.colour_primary               ? 
_exptl_crystal.density_meas                 ? 
_exptl_crystal.density_meas_esd             ? 
_exptl_crystal.density_meas_gt              ? 
_exptl_crystal.density_meas_lt              ? 
_exptl_crystal.density_meas_temp            ? 
_exptl_crystal.density_meas_temp_esd        ? 
_exptl_crystal.density_meas_temp_gt         ? 
_exptl_crystal.density_meas_temp_lt         ? 
_exptl_crystal.pdbx_crystal_image_url       ? 
_exptl_crystal.pdbx_crystal_image_format    ? 
_exptl_crystal.pdbx_mosaicity               ? 
_exptl_crystal.pdbx_mosaicity_esd           ? 
_exptl_crystal.pdbx_mosaic_method           ? 
_exptl_crystal.pdbx_mosaic_block_size       ? 
_exptl_crystal.pdbx_mosaic_block_size_esd   ? 
# 
_exptl_crystal_grow.apparatus       ? 
_exptl_crystal_grow.atmosphere      ? 
_exptl_crystal_grow.crystal_id      1 
_exptl_crystal_grow.details         ? 
_exptl_crystal_grow.method          'VAPOR DIFFUSION, SITTING DROP' 
_exptl_crystal_grow.method_ref      ? 
_exptl_crystal_grow.pH              6.5 
_exptl_crystal_grow.pressure        ? 
_exptl_crystal_grow.pressure_esd    ? 
_exptl_crystal_grow.seeding         ? 
_exptl_crystal_grow.seeding_ref     ? 
_exptl_crystal_grow.temp            293 
_exptl_crystal_grow.temp_details    ? 
_exptl_crystal_grow.temp_esd        ? 
_exptl_crystal_grow.time            ? 
_exptl_crystal_grow.pdbx_details    '0.2 M sodium acetate trihydrate, 0.1 M sodium cacodylate, 30% w/v PEG 8000, pH 6.5' 
_exptl_crystal_grow.pdbx_pH_range   ? 
# 
_diffrn.ambient_environment              ? 
_diffrn.ambient_temp                     100 
_diffrn.ambient_temp_details             ? 
_diffrn.ambient_temp_esd                 ? 
_diffrn.crystal_id                       1 
_diffrn.crystal_support                  ? 
_diffrn.crystal_treatment                ? 
_diffrn.details                          ? 
_diffrn.id                               1 
_diffrn.ambient_pressure                 ? 
_diffrn.ambient_pressure_esd             ? 
_diffrn.ambient_pressure_gt              ? 
_diffrn.ambient_pressure_lt              ? 
_diffrn.ambient_temp_gt                  ? 
_diffrn.ambient_temp_lt                  ? 
_diffrn.pdbx_serial_crystal_experiment   N 
# 
_diffrn_detector.details                      ? 
_diffrn_detector.detector                     PIXEL 
_diffrn_detector.diffrn_id                    1 
_diffrn_detector.type                         'DECTRIS EIGER2 XE 16M' 
_diffrn_detector.area_resol_mean              ? 
_diffrn_detector.dtime                        ? 
_diffrn_detector.pdbx_frames_total            ? 
_diffrn_detector.pdbx_collection_time_total   ? 
_diffrn_detector.pdbx_collection_date         2019-10-12 
_diffrn_detector.pdbx_frequency               ? 
# 
_diffrn_radiation.collimation                      ? 
_diffrn_radiation.diffrn_id                        1 
_diffrn_radiation.filter_edge                      ? 
_diffrn_radiation.inhomogeneity                    ? 
_diffrn_radiation.monochromator                    ? 
_diffrn_radiation.polarisn_norm                    ? 
_diffrn_radiation.polarisn_ratio                   ? 
_diffrn_radiation.probe                            ? 
_diffrn_radiation.type                             ? 
_diffrn_radiation.xray_symbol                      ? 
_diffrn_radiation.wavelength_id                    1 
_diffrn_radiation.pdbx_monochromatic_or_laue_m_l   M 
_diffrn_radiation.pdbx_wavelength_list             ? 
_diffrn_radiation.pdbx_wavelength                  ? 
_diffrn_radiation.pdbx_diffrn_protocol             'SINGLE WAVELENGTH' 
_diffrn_radiation.pdbx_analyzer                    ? 
_diffrn_radiation.pdbx_scattering_type             x-ray 
# 
_diffrn_radiation_wavelength.id           1 
_diffrn_radiation_wavelength.wavelength   0.9795 
_diffrn_radiation_wavelength.wt           1.0 
# 
_diffrn_source.current                     ? 
_diffrn_source.details                     ? 
_diffrn_source.diffrn_id                   1 
_diffrn_source.power                       ? 
_diffrn_source.size                        ? 
_diffrn_source.source                      SYNCHROTRON 
_diffrn_source.target                      ? 
_diffrn_source.type                        'DIAMOND BEAMLINE I04' 
_diffrn_source.voltage                     ? 
_diffrn_source.take-off_angle              ? 
_diffrn_source.pdbx_wavelength_list        0.9795 
_diffrn_source.pdbx_wavelength             ? 
_diffrn_source.pdbx_synchrotron_beamline   I04 
_diffrn_source.pdbx_synchrotron_site       Diamond 
# 
_reflns.B_iso_Wilson_estimate                          53.42 
_reflns.entry_id                                       8BCS 
_reflns.data_reduction_details                         ? 
_reflns.data_reduction_method                          ? 
_reflns.d_resolution_high                              1.99 
_reflns.d_resolution_low                               31.56 
_reflns.details                                        ? 
_reflns.limit_h_max                                    ? 
_reflns.limit_h_min                                    ? 
_reflns.limit_k_max                                    ? 
_reflns.limit_k_min                                    ? 
_reflns.limit_l_max                                    ? 
_reflns.limit_l_min                                    ? 
_reflns.number_all                                     ? 
_reflns.number_obs                                     3400 
_reflns.observed_criterion                             ? 
_reflns.observed_criterion_F_max                       ? 
_reflns.observed_criterion_F_min                       ? 
_reflns.observed_criterion_I_max                       ? 
_reflns.observed_criterion_I_min                       ? 
_reflns.observed_criterion_sigma_F                     ? 
_reflns.observed_criterion_sigma_I                     ? 
_reflns.percent_possible_obs                           100.0 
_reflns.R_free_details                                 ? 
_reflns.Rmerge_F_all                                   ? 
_reflns.Rmerge_F_obs                                   ? 
_reflns.Friedel_coverage                               ? 
_reflns.number_gt                                      ? 
_reflns.threshold_expression                           ? 
_reflns.pdbx_redundancy                                16.5 
_reflns.pdbx_Rmerge_I_obs                              ? 
_reflns.pdbx_Rmerge_I_all                              ? 
_reflns.pdbx_Rsym_value                                ? 
_reflns.pdbx_netI_over_av_sigmaI                       ? 
_reflns.pdbx_netI_over_sigmaI                          27.0 
_reflns.pdbx_res_netI_over_av_sigmaI_2                 ? 
_reflns.pdbx_res_netI_over_sigmaI_2                    ? 
_reflns.pdbx_chi_squared                               ? 
_reflns.pdbx_scaling_rejects                           ? 
_reflns.pdbx_d_res_high_opt                            ? 
_reflns.pdbx_d_res_low_opt                             ? 
_reflns.pdbx_d_res_opt_method                          ? 
_reflns.phase_calculation_details                      ? 
_reflns.pdbx_Rrim_I_all                                0.038 
_reflns.pdbx_Rpim_I_all                                ? 
_reflns.pdbx_d_opt                                     ? 
_reflns.pdbx_number_measured_all                       ? 
_reflns.pdbx_diffrn_id                                 1 
_reflns.pdbx_ordinal                                   1 
_reflns.pdbx_CC_half                                   1 
_reflns.pdbx_CC_star                                   ? 
_reflns.pdbx_R_split                                   ? 
_reflns.pdbx_aniso_diffraction_limit_axis_1_ortho[1]   ? 
_reflns.pdbx_aniso_diffraction_limit_axis_1_ortho[2]   ? 
_reflns.pdbx_aniso_diffraction_limit_axis_1_ortho[3]   ? 
_reflns.pdbx_aniso_diffraction_limit_axis_2_ortho[1]   ? 
_reflns.pdbx_aniso_diffraction_limit_axis_2_ortho[2]   ? 
_reflns.pdbx_aniso_diffraction_limit_axis_2_ortho[3]   ? 
_reflns.pdbx_aniso_diffraction_limit_axis_3_ortho[1]   ? 
_reflns.pdbx_aniso_diffraction_limit_axis_3_ortho[2]   ? 
_reflns.pdbx_aniso_diffraction_limit_axis_3_ortho[3]   ? 
_reflns.pdbx_aniso_diffraction_limit_1                 ? 
_reflns.pdbx_aniso_diffraction_limit_2                 ? 
_reflns.pdbx_aniso_diffraction_limit_3                 ? 
_reflns.pdbx_aniso_B_tensor_eigenvector_1_ortho[1]     ? 
_reflns.pdbx_aniso_B_tensor_eigenvector_1_ortho[2]     ? 
_reflns.pdbx_aniso_B_tensor_eigenvector_1_ortho[3]     ? 
_reflns.pdbx_aniso_B_tensor_eigenvector_2_ortho[1]     ? 
_reflns.pdbx_aniso_B_tensor_eigenvector_2_ortho[2]     ? 
_reflns.pdbx_aniso_B_tensor_eigenvector_2_ortho[3]     ? 
_reflns.pdbx_aniso_B_tensor_eigenvector_3_ortho[1]     ? 
_reflns.pdbx_aniso_B_tensor_eigenvector_3_ortho[2]     ? 
_reflns.pdbx_aniso_B_tensor_eigenvector_3_ortho[3]     ? 
_reflns.pdbx_aniso_B_tensor_eigenvalue_1               ? 
_reflns.pdbx_aniso_B_tensor_eigenvalue_2               ? 
_reflns.pdbx_aniso_B_tensor_eigenvalue_3               ? 
_reflns.pdbx_orthogonalization_convention              ? 
_reflns.pdbx_percent_possible_ellipsoidal              ? 
_reflns.pdbx_percent_possible_spherical                ? 
_reflns.pdbx_percent_possible_ellipsoidal_anomalous    ? 
_reflns.pdbx_percent_possible_spherical_anomalous      ? 
_reflns.pdbx_redundancy_anomalous                      ? 
_reflns.pdbx_CC_half_anomalous                         ? 
_reflns.pdbx_absDiff_over_sigma_anomalous              ? 
_reflns.pdbx_percent_possible_anomalous                ? 
_reflns.pdbx_observed_signal_threshold                 ? 
_reflns.pdbx_signal_type                               ? 
_reflns.pdbx_signal_details                            ? 
_reflns.pdbx_signal_software_id                        ? 
_reflns.pdbx_CC_split_method                           ? 
# 
loop_
_reflns_shell.d_res_high 
_reflns_shell.d_res_low 
_reflns_shell.meanI_over_sigI_all 
_reflns_shell.meanI_over_sigI_obs 
_reflns_shell.number_measured_all 
_reflns_shell.number_measured_obs 
_reflns_shell.number_possible 
_reflns_shell.number_unique_all 
_reflns_shell.number_unique_obs 
_reflns_shell.percent_possible_all 
_reflns_shell.percent_possible_obs 
_reflns_shell.Rmerge_F_all 
_reflns_shell.Rmerge_F_obs 
_reflns_shell.Rmerge_I_all 
_reflns_shell.Rmerge_I_obs 
_reflns_shell.meanI_over_sigI_gt 
_reflns_shell.meanI_over_uI_all 
_reflns_shell.meanI_over_uI_gt 
_reflns_shell.number_measured_gt 
_reflns_shell.number_unique_gt 
_reflns_shell.percent_possible_gt 
_reflns_shell.Rmerge_F_gt 
_reflns_shell.Rmerge_I_gt 
_reflns_shell.pdbx_redundancy 
_reflns_shell.pdbx_Rsym_value 
_reflns_shell.pdbx_chi_squared 
_reflns_shell.pdbx_netI_over_sigmaI_all 
_reflns_shell.pdbx_netI_over_sigmaI_obs 
_reflns_shell.pdbx_Rrim_I_all 
_reflns_shell.pdbx_Rpim_I_all 
_reflns_shell.pdbx_rejects 
_reflns_shell.pdbx_ordinal 
_reflns_shell.pdbx_diffrn_id 
_reflns_shell.pdbx_CC_half 
_reflns_shell.pdbx_CC_star 
_reflns_shell.pdbx_R_split 
_reflns_shell.pdbx_percent_possible_ellipsoidal 
_reflns_shell.pdbx_percent_possible_spherical 
_reflns_shell.pdbx_percent_possible_ellipsoidal_anomalous 
_reflns_shell.pdbx_percent_possible_spherical_anomalous 
_reflns_shell.pdbx_redundancy_anomalous 
_reflns_shell.pdbx_CC_half_anomalous 
_reflns_shell.pdbx_absDiff_over_sigma_anomalous 
_reflns_shell.pdbx_percent_possible_anomalous 
1.99 2.02  ? 1.1  ? ? ? ? 161 97.6 ? ? ? ? ? ? ? ? ? ? ? ? ? 8.7 ? ? ? ? 1.813 ? ? 1 1 0.6 ? ? ? ? ? ? ? ? ? ? 
5.39 31.56 ? 70.9 ? ? ? ? 204 ?    ? ? ? ? ? ? ? ? ? ? ? ? ? ?   ? ? ? ? 0.024 ? ? 2 1 1.0 ? ? ? ? ? ? ? ? ? ? 
# 
_refine.aniso_B[1][1]                            ? 
_refine.aniso_B[1][2]                            ? 
_refine.aniso_B[1][3]                            ? 
_refine.aniso_B[2][2]                            ? 
_refine.aniso_B[2][3]                            ? 
_refine.aniso_B[3][3]                            ? 
_refine.B_iso_max                                ? 
_refine.B_iso_mean                               67.81 
_refine.B_iso_min                                ? 
_refine.correlation_coeff_Fo_to_Fc               ? 
_refine.correlation_coeff_Fo_to_Fc_free          ? 
_refine.details                                  ? 
_refine.diff_density_max                         ? 
_refine.diff_density_max_esd                     ? 
_refine.diff_density_min                         ? 
_refine.diff_density_min_esd                     ? 
_refine.diff_density_rms                         ? 
_refine.diff_density_rms_esd                     ? 
_refine.entry_id                                 8BCS 
_refine.pdbx_refine_id                           'X-RAY DIFFRACTION' 
_refine.ls_abs_structure_details                 ? 
_refine.ls_abs_structure_Flack                   ? 
_refine.ls_abs_structure_Flack_esd               ? 
_refine.ls_abs_structure_Rogers                  ? 
_refine.ls_abs_structure_Rogers_esd              ? 
_refine.ls_d_res_high                            2.10 
_refine.ls_d_res_low                             31.56 
_refine.ls_extinction_coef                       ? 
_refine.ls_extinction_coef_esd                   ? 
_refine.ls_extinction_expression                 ? 
_refine.ls_extinction_method                     ? 
_refine.ls_goodness_of_fit_all                   ? 
_refine.ls_goodness_of_fit_all_esd               ? 
_refine.ls_goodness_of_fit_obs                   ? 
_refine.ls_goodness_of_fit_obs_esd               ? 
_refine.ls_hydrogen_treatment                    ? 
_refine.ls_matrix_type                           ? 
_refine.ls_number_constraints                    ? 
_refine.ls_number_parameters                     ? 
_refine.ls_number_reflns_all                     ? 
_refine.ls_number_reflns_obs                     2895 
_refine.ls_number_reflns_R_free                  152 
_refine.ls_number_reflns_R_work                  2743 
_refine.ls_number_restraints                     ? 
_refine.ls_percent_reflns_obs                    99.97 
_refine.ls_percent_reflns_R_free                 5.25 
_refine.ls_R_factor_all                          ? 
_refine.ls_R_factor_obs                          0.2396 
_refine.ls_R_factor_R_free                       0.2645 
_refine.ls_R_factor_R_free_error                 ? 
_refine.ls_R_factor_R_free_error_details         ? 
_refine.ls_R_factor_R_work                       0.2375 
_refine.ls_R_Fsqd_factor_obs                     ? 
_refine.ls_R_I_factor_obs                        ? 
_refine.ls_redundancy_reflns_all                 ? 
_refine.ls_redundancy_reflns_obs                 ? 
_refine.ls_restrained_S_all                      ? 
_refine.ls_restrained_S_obs                      ? 
_refine.ls_shift_over_esd_max                    ? 
_refine.ls_shift_over_esd_mean                   ? 
_refine.ls_structure_factor_coef                 ? 
_refine.ls_weighting_details                     ? 
_refine.ls_weighting_scheme                      ? 
_refine.ls_wR_factor_all                         ? 
_refine.ls_wR_factor_obs                         ? 
_refine.ls_wR_factor_R_free                      ? 
_refine.ls_wR_factor_R_work                      ? 
_refine.occupancy_max                            ? 
_refine.occupancy_min                            ? 
_refine.solvent_model_details                    'FLAT BULK SOLVENT MODEL' 
_refine.solvent_model_param_bsol                 ? 
_refine.solvent_model_param_ksol                 ? 
_refine.pdbx_R_complete                          ? 
_refine.ls_R_factor_gt                           ? 
_refine.ls_goodness_of_fit_gt                    ? 
_refine.ls_goodness_of_fit_ref                   ? 
_refine.ls_shift_over_su_max                     ? 
_refine.ls_shift_over_su_max_lt                  ? 
_refine.ls_shift_over_su_mean                    ? 
_refine.ls_shift_over_su_mean_lt                 ? 
_refine.pdbx_ls_sigma_I                          ? 
_refine.pdbx_ls_sigma_F                          1.38 
_refine.pdbx_ls_sigma_Fsqd                       ? 
_refine.pdbx_data_cutoff_high_absF               ? 
_refine.pdbx_data_cutoff_high_rms_absF           ? 
_refine.pdbx_data_cutoff_low_absF                ? 
_refine.pdbx_isotropic_thermal_model             ? 
_refine.pdbx_ls_cross_valid_method               'FREE R-VALUE' 
_refine.pdbx_method_to_determine_struct          'MOLECULAR REPLACEMENT' 
_refine.pdbx_starting_model                      6Q5S 
_refine.pdbx_stereochemistry_target_values       'GeoStd + Monomer Library + CDL v1.2' 
_refine.pdbx_R_Free_selection_details            ? 
_refine.pdbx_stereochem_target_val_spec_case     ? 
_refine.pdbx_overall_ESU_R                       ? 
_refine.pdbx_overall_ESU_R_Free                  ? 
_refine.pdbx_solvent_vdw_probe_radii             1.1100 
_refine.pdbx_solvent_ion_probe_radii             ? 
_refine.pdbx_solvent_shrinkage_radii             0.9000 
_refine.pdbx_real_space_R                        ? 
_refine.pdbx_density_correlation                 ? 
_refine.pdbx_pd_number_of_powder_patterns        ? 
_refine.pdbx_pd_number_of_points                 ? 
_refine.pdbx_pd_meas_number_of_points            ? 
_refine.pdbx_pd_proc_ls_prof_R_factor            ? 
_refine.pdbx_pd_proc_ls_prof_wR_factor           ? 
_refine.pdbx_pd_Marquardt_correlation_coeff      ? 
_refine.pdbx_pd_Fsqrd_R_factor                   ? 
_refine.pdbx_pd_ls_matrix_band_width             ? 
_refine.pdbx_overall_phase_error                 26.8234 
_refine.pdbx_overall_SU_R_free_Cruickshank_DPI   ? 
_refine.pdbx_overall_SU_R_free_Blow_DPI          ? 
_refine.pdbx_overall_SU_R_Blow_DPI               ? 
_refine.pdbx_TLS_residual_ADP_flag               ? 
_refine.pdbx_diffrn_id                           1 
_refine.overall_SU_B                             ? 
_refine.overall_SU_ML                            0.2354 
_refine.overall_SU_R_Cruickshank_DPI             ? 
_refine.overall_SU_R_free                        ? 
_refine.overall_FOM_free_R_set                   ? 
_refine.overall_FOM_work_R_set                   ? 
_refine.pdbx_average_fsc_overall                 ? 
_refine.pdbx_average_fsc_work                    ? 
_refine.pdbx_average_fsc_free                    ? 
# 
_refine_hist.pdbx_refine_id                   'X-RAY DIFFRACTION' 
_refine_hist.cycle_id                         LAST 
_refine_hist.details                          ? 
_refine_hist.d_res_high                       2.10 
_refine_hist.d_res_low                        31.56 
_refine_hist.number_atoms_solvent             0 
_refine_hist.number_atoms_total               330 
_refine_hist.number_reflns_all                ? 
_refine_hist.number_reflns_obs                ? 
_refine_hist.number_reflns_R_free             ? 
_refine_hist.number_reflns_R_work             ? 
_refine_hist.R_factor_all                     ? 
_refine_hist.R_factor_obs                     ? 
_refine_hist.R_factor_R_free                  ? 
_refine_hist.R_factor_R_work                  ? 
_refine_hist.pdbx_number_residues_total       ? 
_refine_hist.pdbx_B_iso_mean_ligand           ? 
_refine_hist.pdbx_B_iso_mean_solvent          ? 
_refine_hist.pdbx_number_atoms_protein        326 
_refine_hist.pdbx_number_atoms_nucleic_acid   0 
_refine_hist.pdbx_number_atoms_ligand         4 
_refine_hist.pdbx_number_atoms_lipid          ? 
_refine_hist.pdbx_number_atoms_carb           ? 
_refine_hist.pdbx_pseudo_atom_details         ? 
# 
loop_
_refine_ls_restr.pdbx_refine_id 
_refine_ls_restr.criterion 
_refine_ls_restr.dev_ideal 
_refine_ls_restr.dev_ideal_target 
_refine_ls_restr.number 
_refine_ls_restr.rejects 
_refine_ls_restr.type 
_refine_ls_restr.weight 
_refine_ls_restr.pdbx_restraint_function 
'X-RAY DIFFRACTION' ? 0.0080  ? 331 ? f_bond_d           ? ? 
'X-RAY DIFFRACTION' ? 0.9875  ? 449 ? f_angle_d          ? ? 
'X-RAY DIFFRACTION' ? 0.0460  ? 59  ? f_chiral_restr     ? ? 
'X-RAY DIFFRACTION' ? 0.0044  ? 56  ? f_plane_restr      ? ? 
'X-RAY DIFFRACTION' ? 19.5999 ? 108 ? f_dihedral_angle_d ? ? 
# 
loop_
_refine_ls_shell.pdbx_refine_id 
_refine_ls_shell.d_res_high 
_refine_ls_shell.d_res_low 
_refine_ls_shell.number_reflns_all 
_refine_ls_shell.number_reflns_obs 
_refine_ls_shell.number_reflns_R_free 
_refine_ls_shell.number_reflns_R_work 
_refine_ls_shell.percent_reflns_obs 
_refine_ls_shell.percent_reflns_R_free 
_refine_ls_shell.R_factor_all 
_refine_ls_shell.R_factor_obs 
_refine_ls_shell.R_factor_R_free 
_refine_ls_shell.R_factor_R_free_error 
_refine_ls_shell.R_factor_R_work 
_refine_ls_shell.redundancy_reflns_all 
_refine_ls_shell.redundancy_reflns_obs 
_refine_ls_shell.wR_factor_all 
_refine_ls_shell.wR_factor_obs 
_refine_ls_shell.wR_factor_R_free 
_refine_ls_shell.wR_factor_R_work 
_refine_ls_shell.pdbx_R_complete 
_refine_ls_shell.pdbx_total_number_of_bins_used 
_refine_ls_shell.pdbx_phase_error 
_refine_ls_shell.pdbx_fsc_work 
_refine_ls_shell.pdbx_fsc_free 
'X-RAY DIFFRACTION' 2.10 2.26  . . 28 531 99.82  . . . 0.3856 . 0.3346 . . . . . . . . . . . 
'X-RAY DIFFRACTION' 2.26 2.49  . . 21 549 100.00 . . . 0.4511 . 0.3389 . . . . . . . . . . . 
'X-RAY DIFFRACTION' 2.49 2.85  . . 39 520 100.00 . . . 0.4161 . 0.3457 . . . . . . . . . . . 
'X-RAY DIFFRACTION' 2.85 3.59  . . 30 550 100.00 . . . 0.3544 . 0.2663 . . . . . . . . . . . 
'X-RAY DIFFRACTION' 3.59 31.56 . . 34 593 100.00 . . . 0.1800 . 0.1943 . . . . . . . . . . . 
# 
_struct.entry_id                     8BCS 
_struct.title                        
'X-ray crystal structure of a de novo designed helix-loop-helix homodimer in an anti arrangement, CC-HP1.0' 
_struct.pdbx_model_details           ? 
_struct.pdbx_formula_weight          ? 
_struct.pdbx_formula_weight_method   ? 
_struct.pdbx_model_type_details      ? 
_struct.pdbx_CASP_flag               N 
# 
_struct_keywords.entry_id        8BCS 
_struct_keywords.text            'coiled coil, 4-helix bundle, de novo protein design, helix-loop-helix dimer, DE NOVO PROTEIN' 
_struct_keywords.pdbx_keywords   'DE NOVO PROTEIN' 
# 
loop_
_struct_asym.id 
_struct_asym.pdbx_blank_PDB_chainid_flag 
_struct_asym.pdbx_modified 
_struct_asym.entity_id 
_struct_asym.details 
A N N 1 ? 
B N N 2 ? 
# 
_struct_ref.id                         1 
_struct_ref.db_name                    PDB 
_struct_ref.db_code                    8BCS 
_struct_ref.pdbx_db_accession          8BCS 
_struct_ref.pdbx_db_isoform            ? 
_struct_ref.entity_id                  1 
_struct_ref.pdbx_seq_one_letter_code   ? 
_struct_ref.pdbx_align_begin           1 
# 
_struct_ref_seq.align_id                      1 
_struct_ref_seq.ref_id                        1 
_struct_ref_seq.pdbx_PDB_id_code              8BCS 
_struct_ref_seq.pdbx_strand_id                A 
_struct_ref_seq.seq_align_beg                 1 
_struct_ref_seq.pdbx_seq_align_beg_ins_code   ? 
_struct_ref_seq.seq_align_end                 51 
_struct_ref_seq.pdbx_seq_align_end_ins_code   ? 
_struct_ref_seq.pdbx_db_accession             8BCS 
_struct_ref_seq.db_align_beg                  0 
_struct_ref_seq.pdbx_db_align_beg_ins_code    ? 
_struct_ref_seq.db_align_end                  50 
_struct_ref_seq.pdbx_db_align_end_ins_code    ? 
_struct_ref_seq.pdbx_auth_seq_align_beg       0 
_struct_ref_seq.pdbx_auth_seq_align_end       50 
# 
_pdbx_struct_assembly.id                   1 
_pdbx_struct_assembly.details              author_and_software_defined_assembly 
_pdbx_struct_assembly.method_details       PISA 
_pdbx_struct_assembly.oligomeric_details   dimeric 
_pdbx_struct_assembly.oligomeric_count     2 
# 
loop_
_pdbx_struct_assembly_prop.biol_id 
_pdbx_struct_assembly_prop.type 
_pdbx_struct_assembly_prop.value 
_pdbx_struct_assembly_prop.details 
1 'ABSA (A^2)' 2290 ? 
1 MORE         -28  ? 
1 'SSA (A^2)'  5340 ? 
# 
_pdbx_struct_assembly_gen.assembly_id       1 
_pdbx_struct_assembly_gen.oper_expression   1,2 
_pdbx_struct_assembly_gen.asym_id_list      A,B 
# 
_pdbx_struct_assembly_auth_evidence.id                     1 
_pdbx_struct_assembly_auth_evidence.assembly_id            1 
_pdbx_struct_assembly_auth_evidence.experimental_support   'equilibrium centrifugation' 
_pdbx_struct_assembly_auth_evidence.details                ? 
# 
loop_
_pdbx_struct_oper_list.id 
_pdbx_struct_oper_list.type 
_pdbx_struct_oper_list.name 
_pdbx_struct_oper_list.symmetry_operation 
_pdbx_struct_oper_list.matrix[1][1] 
_pdbx_struct_oper_list.matrix[1][2] 
_pdbx_struct_oper_list.matrix[1][3] 
_pdbx_struct_oper_list.vector[1] 
_pdbx_struct_oper_list.matrix[2][1] 
_pdbx_struct_oper_list.matrix[2][2] 
_pdbx_struct_oper_list.matrix[2][3] 
_pdbx_struct_oper_list.vector[2] 
_pdbx_struct_oper_list.matrix[3][1] 
_pdbx_struct_oper_list.matrix[3][2] 
_pdbx_struct_oper_list.matrix[3][3] 
_pdbx_struct_oper_list.vector[3] 
1 'identity operation'         1_555 x,y,z  1.0000000000  0.0000000000 0.0000000000 0.0000000000 0.0000000000 1.0000000000  0.0000000000 0.0000000000 0.0000000000 0.0000000000 1.0000000000 0.0000000000  
2 'crystal symmetry operation' 4_555 y,x,-z -0.9358105913 0.2267060873 0.2699312638 7.5459476646 0.2267060873 -0.1993126116 0.9533513691 1.3462399504 0.2699312638 0.9533513691 0.1351232029 -2.9250806266 
# 
loop_
_struct_conf.conf_type_id 
_struct_conf.id 
_struct_conf.pdbx_PDB_helix_id 
_struct_conf.beg_label_comp_id 
_struct_conf.beg_label_asym_id 
_struct_conf.beg_label_seq_id 
_struct_conf.pdbx_beg_PDB_ins_code 
_struct_conf.end_label_comp_id 
_struct_conf.end_label_asym_id 
_struct_conf.end_label_seq_id 
_struct_conf.pdbx_end_PDB_ins_code 
_struct_conf.beg_auth_comp_id 
_struct_conf.beg_auth_asym_id 
_struct_conf.beg_auth_seq_id 
_struct_conf.end_auth_comp_id 
_struct_conf.end_auth_asym_id 
_struct_conf.end_auth_seq_id 
_struct_conf.pdbx_PDB_helix_class 
_struct_conf.details 
_struct_conf.pdbx_PDB_helix_length 
HELX_P HELX_P1 AA1 GLY A 2  ? SER A 22 ? GLY A 1  SER A 21 1 ? 21 
HELX_P HELX_P2 AA2 SER A 26 ? GLY A 50 ? SER A 25 GLY A 49 1 ? 25 
# 
_struct_conf_type.id          HELX_P 
_struct_conf_type.criteria    ? 
_struct_conf_type.reference   ? 
# 
_pdbx_entry_details.entry_id                   8BCS 
_pdbx_entry_details.has_ligand_of_interest     N 
_pdbx_entry_details.compound_details           ? 
_pdbx_entry_details.source_details             ? 
_pdbx_entry_details.nonpolymer_details         ? 
_pdbx_entry_details.sequence_details           ? 
_pdbx_entry_details.has_protein_modification   N 
# 
_pdbx_validate_torsion.id              1 
_pdbx_validate_torsion.PDB_model_num   1 
_pdbx_validate_torsion.auth_comp_id    GLU 
_pdbx_validate_torsion.auth_asym_id    A 
_pdbx_validate_torsion.auth_seq_id     23 
_pdbx_validate_torsion.PDB_ins_code    ? 
_pdbx_validate_torsion.label_alt_id    ? 
_pdbx_validate_torsion.phi             -143.62 
_pdbx_validate_torsion.psi             57.92 
# 
loop_
_space_group_symop.id 
_space_group_symop.operation_xyz 
1 x,y,z          
2 -y,x-y,z+1/3   
3 -x+y,-x,z+2/3  
4 x-y,-y,-z+2/3  
5 -x,-x+y,-z+1/3 
6 y,x,-z         
# 
_pdbx_refine_tls.id               1 
_pdbx_refine_tls.pdbx_refine_id   'X-RAY DIFFRACTION' 
_pdbx_refine_tls.details          ? 
_pdbx_refine_tls.method           refined 
_pdbx_refine_tls.origin_x         -0.52504002729 
_pdbx_refine_tls.origin_y         0.4342517995 
_pdbx_refine_tls.origin_z         -0.70503723832 
_pdbx_refine_tls.T[1][1]          0.400124632534 
_pdbx_refine_tls.T[1][1]_esd      ? 
_pdbx_refine_tls.T[1][2]          0.052821364456 
_pdbx_refine_tls.T[1][2]_esd      ? 
_pdbx_refine_tls.T[1][3]          -0.026346405498 
_pdbx_refine_tls.T[1][3]_esd      ? 
_pdbx_refine_tls.T[2][2]          0.615670928246 
_pdbx_refine_tls.T[2][2]_esd      ? 
_pdbx_refine_tls.T[2][3]          0.017893939237 
_pdbx_refine_tls.T[2][3]_esd      ? 
_pdbx_refine_tls.T[3][3]          0.478428121755 
_pdbx_refine_tls.T[3][3]_esd      ? 
_pdbx_refine_tls.L[1][1]          4.62879083057 
_pdbx_refine_tls.L[1][1]_esd      ? 
_pdbx_refine_tls.L[1][2]          -2.07881340788 
_pdbx_refine_tls.L[1][2]_esd      ? 
_pdbx_refine_tls.L[1][3]          1.6461613292 
_pdbx_refine_tls.L[1][3]_esd      ? 
_pdbx_refine_tls.L[2][2]          10.15453617181 
_pdbx_refine_tls.L[2][2]_esd      ? 
_pdbx_refine_tls.L[2][3]          -1.36676208929 
_pdbx_refine_tls.L[2][3]_esd      ? 
_pdbx_refine_tls.L[3][3]          6.59970396715 
_pdbx_refine_tls.L[3][3]_esd      ? 
_pdbx_refine_tls.S[1][1]          -0.798460276027 
_pdbx_refine_tls.S[1][1]_esd      ? 
_pdbx_refine_tls.S[1][2]          -0.94761427501 
_pdbx_refine_tls.S[1][2]_esd      ? 
_pdbx_refine_tls.S[1][3]          0.096205576393 
_pdbx_refine_tls.S[1][3]_esd      ? 
_pdbx_refine_tls.S[2][1]          -0.216859904564 
_pdbx_refine_tls.S[2][1]_esd      ? 
_pdbx_refine_tls.S[2][2]          1.012042890174 
_pdbx_refine_tls.S[2][2]_esd      ? 
_pdbx_refine_tls.S[2][3]          0.699799341791 
_pdbx_refine_tls.S[2][3]_esd      ? 
_pdbx_refine_tls.S[3][1]          -0.054348352489 
_pdbx_refine_tls.S[3][1]_esd      ? 
_pdbx_refine_tls.S[3][2]          -0.75891090867 
_pdbx_refine_tls.S[3][2]_esd      ? 
_pdbx_refine_tls.S[3][3]          -0.2401057000 
_pdbx_refine_tls.S[3][3]_esd      ? 
# 
_pdbx_refine_tls_group.id                  1 
_pdbx_refine_tls_group.pdbx_refine_id      'X-RAY DIFFRACTION' 
_pdbx_refine_tls_group.refine_tls_id       1 
_pdbx_refine_tls_group.beg_label_asym_id   A 
_pdbx_refine_tls_group.beg_label_seq_id    1 
_pdbx_refine_tls_group.beg_auth_asym_id    A 
_pdbx_refine_tls_group.beg_auth_seq_id     1 
_pdbx_refine_tls_group.beg_PDB_ins_code    ? 
_pdbx_refine_tls_group.end_label_asym_id   A 
_pdbx_refine_tls_group.end_label_seq_id    49 
_pdbx_refine_tls_group.end_auth_asym_id    A 
_pdbx_refine_tls_group.end_auth_seq_id     49 
_pdbx_refine_tls_group.end_PDB_ins_code    ? 
_pdbx_refine_tls_group.selection           ? 
_pdbx_refine_tls_group.selection_details   
;chain 'A' and (resid 1 through 49 )
;
# 
loop_
_pdbx_unobs_or_zero_occ_residues.id 
_pdbx_unobs_or_zero_occ_residues.PDB_model_num 
_pdbx_unobs_or_zero_occ_residues.polymer_flag 
_pdbx_unobs_or_zero_occ_residues.occupancy_flag 
_pdbx_unobs_or_zero_occ_residues.auth_asym_id 
_pdbx_unobs_or_zero_occ_residues.auth_comp_id 
_pdbx_unobs_or_zero_occ_residues.auth_seq_id 
_pdbx_unobs_or_zero_occ_residues.PDB_ins_code 
_pdbx_unobs_or_zero_occ_residues.label_asym_id 
_pdbx_unobs_or_zero_occ_residues.label_comp_id 
_pdbx_unobs_or_zero_occ_residues.label_seq_id 
1 1 Y 1 A ACE 0  ? A ACE 1  
2 1 Y 1 A NH2 50 ? A NH2 51 
# 
loop_
_chem_comp_atom.comp_id 
_chem_comp_atom.atom_id 
_chem_comp_atom.type_symbol 
_chem_comp_atom.pdbx_aromatic_flag 
_chem_comp_atom.pdbx_stereo_config 
_chem_comp_atom.pdbx_ordinal 
ACE C    C N N 1   
ACE O    O N N 2   
ACE CH3  C N N 3   
ACE H    H N N 4   
ACE H1   H N N 5   
ACE H2   H N N 6   
ACE H3   H N N 7   
ACT C    C N N 8   
ACT O    O N N 9   
ACT OXT  O N N 10  
ACT CH3  C N N 11  
ACT H1   H N N 12  
ACT H2   H N N 13  
ACT H3   H N N 14  
ALA N    N N N 15  
ALA CA   C N S 16  
ALA C    C N N 17  
ALA O    O N N 18  
ALA CB   C N N 19  
ALA OXT  O N N 20  
ALA H    H N N 21  
ALA H2   H N N 22  
ALA HA   H N N 23  
ALA HB1  H N N 24  
ALA HB2  H N N 25  
ALA HB3  H N N 26  
ALA HXT  H N N 27  
GLN N    N N N 28  
GLN CA   C N S 29  
GLN C    C N N 30  
GLN O    O N N 31  
GLN CB   C N N 32  
GLN CG   C N N 33  
GLN CD   C N N 34  
GLN OE1  O N N 35  
GLN NE2  N N N 36  
GLN OXT  O N N 37  
GLN H    H N N 38  
GLN H2   H N N 39  
GLN HA   H N N 40  
GLN HB2  H N N 41  
GLN HB3  H N N 42  
GLN HG2  H N N 43  
GLN HG3  H N N 44  
GLN HE21 H N N 45  
GLN HE22 H N N 46  
GLN HXT  H N N 47  
GLU N    N N N 48  
GLU CA   C N S 49  
GLU C    C N N 50  
GLU O    O N N 51  
GLU CB   C N N 52  
GLU CG   C N N 53  
GLU CD   C N N 54  
GLU OE1  O N N 55  
GLU OE2  O N N 56  
GLU OXT  O N N 57  
GLU H    H N N 58  
GLU H2   H N N 59  
GLU HA   H N N 60  
GLU HB2  H N N 61  
GLU HB3  H N N 62  
GLU HG2  H N N 63  
GLU HG3  H N N 64  
GLU HE2  H N N 65  
GLU HXT  H N N 66  
GLY N    N N N 67  
GLY CA   C N N 68  
GLY C    C N N 69  
GLY O    O N N 70  
GLY OXT  O N N 71  
GLY H    H N N 72  
GLY H2   H N N 73  
GLY HA2  H N N 74  
GLY HA3  H N N 75  
GLY HXT  H N N 76  
LEU N    N N N 77  
LEU CA   C N S 78  
LEU C    C N N 79  
LEU O    O N N 80  
LEU CB   C N N 81  
LEU CG   C N N 82  
LEU CD1  C N N 83  
LEU CD2  C N N 84  
LEU OXT  O N N 85  
LEU H    H N N 86  
LEU H2   H N N 87  
LEU HA   H N N 88  
LEU HB2  H N N 89  
LEU HB3  H N N 90  
LEU HG   H N N 91  
LEU HD11 H N N 92  
LEU HD12 H N N 93  
LEU HD13 H N N 94  
LEU HD21 H N N 95  
LEU HD22 H N N 96  
LEU HD23 H N N 97  
LEU HXT  H N N 98  
LYS N    N N N 99  
LYS CA   C N S 100 
LYS C    C N N 101 
LYS O    O N N 102 
LYS CB   C N N 103 
LYS CG   C N N 104 
LYS CD   C N N 105 
LYS CE   C N N 106 
LYS NZ   N N N 107 
LYS OXT  O N N 108 
LYS H    H N N 109 
LYS H2   H N N 110 
LYS HA   H N N 111 
LYS HB2  H N N 112 
LYS HB3  H N N 113 
LYS HG2  H N N 114 
LYS HG3  H N N 115 
LYS HD2  H N N 116 
LYS HD3  H N N 117 
LYS HE2  H N N 118 
LYS HE3  H N N 119 
LYS HZ1  H N N 120 
LYS HZ2  H N N 121 
LYS HZ3  H N N 122 
LYS HXT  H N N 123 
NH2 N    N N N 124 
NH2 HN1  H N N 125 
NH2 HN2  H N N 126 
PRO N    N N N 127 
PRO CA   C N S 128 
PRO C    C N N 129 
PRO O    O N N 130 
PRO CB   C N N 131 
PRO CG   C N N 132 
PRO CD   C N N 133 
PRO OXT  O N N 134 
PRO H    H N N 135 
PRO HA   H N N 136 
PRO HB2  H N N 137 
PRO HB3  H N N 138 
PRO HG2  H N N 139 
PRO HG3  H N N 140 
PRO HD2  H N N 141 
PRO HD3  H N N 142 
PRO HXT  H N N 143 
SER N    N N N 144 
SER CA   C N S 145 
SER C    C N N 146 
SER O    O N N 147 
SER CB   C N N 148 
SER OG   O N N 149 
SER OXT  O N N 150 
SER H    H N N 151 
SER H2   H N N 152 
SER HA   H N N 153 
SER HB2  H N N 154 
SER HB3  H N N 155 
SER HG   H N N 156 
SER HXT  H N N 157 
TRP N    N N N 158 
TRP CA   C N S 159 
TRP C    C N N 160 
TRP O    O N N 161 
TRP CB   C N N 162 
TRP CG   C Y N 163 
TRP CD1  C Y N 164 
TRP CD2  C Y N 165 
TRP NE1  N Y N 166 
TRP CE2  C Y N 167 
TRP CE3  C Y N 168 
TRP CZ2  C Y N 169 
TRP CZ3  C Y N 170 
TRP CH2  C Y N 171 
TRP OXT  O N N 172 
TRP H    H N N 173 
TRP H2   H N N 174 
TRP HA   H N N 175 
TRP HB2  H N N 176 
TRP HB3  H N N 177 
TRP HD1  H N N 178 
TRP HE1  H N N 179 
TRP HE3  H N N 180 
TRP HZ2  H N N 181 
TRP HZ3  H N N 182 
TRP HH2  H N N 183 
TRP HXT  H N N 184 
# 
loop_
_chem_comp_bond.comp_id 
_chem_comp_bond.atom_id_1 
_chem_comp_bond.atom_id_2 
_chem_comp_bond.value_order 
_chem_comp_bond.pdbx_aromatic_flag 
_chem_comp_bond.pdbx_stereo_config 
_chem_comp_bond.pdbx_ordinal 
ACE C   O    doub N N 1   
ACE C   CH3  sing N N 2   
ACE C   H    sing N N 3   
ACE CH3 H1   sing N N 4   
ACE CH3 H2   sing N N 5   
ACE CH3 H3   sing N N 6   
ACT C   O    doub N N 7   
ACT C   OXT  sing N N 8   
ACT C   CH3  sing N N 9   
ACT CH3 H1   sing N N 10  
ACT CH3 H2   sing N N 11  
ACT CH3 H3   sing N N 12  
ALA N   CA   sing N N 13  
ALA N   H    sing N N 14  
ALA N   H2   sing N N 15  
ALA CA  C    sing N N 16  
ALA CA  CB   sing N N 17  
ALA CA  HA   sing N N 18  
ALA C   O    doub N N 19  
ALA C   OXT  sing N N 20  
ALA CB  HB1  sing N N 21  
ALA CB  HB2  sing N N 22  
ALA CB  HB3  sing N N 23  
ALA OXT HXT  sing N N 24  
GLN N   CA   sing N N 25  
GLN N   H    sing N N 26  
GLN N   H2   sing N N 27  
GLN CA  C    sing N N 28  
GLN CA  CB   sing N N 29  
GLN CA  HA   sing N N 30  
GLN C   O    doub N N 31  
GLN C   OXT  sing N N 32  
GLN CB  CG   sing N N 33  
GLN CB  HB2  sing N N 34  
GLN CB  HB3  sing N N 35  
GLN CG  CD   sing N N 36  
GLN CG  HG2  sing N N 37  
GLN CG  HG3  sing N N 38  
GLN CD  OE1  doub N N 39  
GLN CD  NE2  sing N N 40  
GLN NE2 HE21 sing N N 41  
GLN NE2 HE22 sing N N 42  
GLN OXT HXT  sing N N 43  
GLU N   CA   sing N N 44  
GLU N   H    sing N N 45  
GLU N   H2   sing N N 46  
GLU CA  C    sing N N 47  
GLU CA  CB   sing N N 48  
GLU CA  HA   sing N N 49  
GLU C   O    doub N N 50  
GLU C   OXT  sing N N 51  
GLU CB  CG   sing N N 52  
GLU CB  HB2  sing N N 53  
GLU CB  HB3  sing N N 54  
GLU CG  CD   sing N N 55  
GLU CG  HG2  sing N N 56  
GLU CG  HG3  sing N N 57  
GLU CD  OE1  doub N N 58  
GLU CD  OE2  sing N N 59  
GLU OE2 HE2  sing N N 60  
GLU OXT HXT  sing N N 61  
GLY N   CA   sing N N 62  
GLY N   H    sing N N 63  
GLY N   H2   sing N N 64  
GLY CA  C    sing N N 65  
GLY CA  HA2  sing N N 66  
GLY CA  HA3  sing N N 67  
GLY C   O    doub N N 68  
GLY C   OXT  sing N N 69  
GLY OXT HXT  sing N N 70  
LEU N   CA   sing N N 71  
LEU N   H    sing N N 72  
LEU N   H2   sing N N 73  
LEU CA  C    sing N N 74  
LEU CA  CB   sing N N 75  
LEU CA  HA   sing N N 76  
LEU C   O    doub N N 77  
LEU C   OXT  sing N N 78  
LEU CB  CG   sing N N 79  
LEU CB  HB2  sing N N 80  
LEU CB  HB3  sing N N 81  
LEU CG  CD1  sing N N 82  
LEU CG  CD2  sing N N 83  
LEU CG  HG   sing N N 84  
LEU CD1 HD11 sing N N 85  
LEU CD1 HD12 sing N N 86  
LEU CD1 HD13 sing N N 87  
LEU CD2 HD21 sing N N 88  
LEU CD2 HD22 sing N N 89  
LEU CD2 HD23 sing N N 90  
LEU OXT HXT  sing N N 91  
LYS N   CA   sing N N 92  
LYS N   H    sing N N 93  
LYS N   H2   sing N N 94  
LYS CA  C    sing N N 95  
LYS CA  CB   sing N N 96  
LYS CA  HA   sing N N 97  
LYS C   O    doub N N 98  
LYS C   OXT  sing N N 99  
LYS CB  CG   sing N N 100 
LYS CB  HB2  sing N N 101 
LYS CB  HB3  sing N N 102 
LYS CG  CD   sing N N 103 
LYS CG  HG2  sing N N 104 
LYS CG  HG3  sing N N 105 
LYS CD  CE   sing N N 106 
LYS CD  HD2  sing N N 107 
LYS CD  HD3  sing N N 108 
LYS CE  NZ   sing N N 109 
LYS CE  HE2  sing N N 110 
LYS CE  HE3  sing N N 111 
LYS NZ  HZ1  sing N N 112 
LYS NZ  HZ2  sing N N 113 
LYS NZ  HZ3  sing N N 114 
LYS OXT HXT  sing N N 115 
NH2 N   HN1  sing N N 116 
NH2 N   HN2  sing N N 117 
PRO N   CA   sing N N 118 
PRO N   CD   sing N N 119 
PRO N   H    sing N N 120 
PRO CA  C    sing N N 121 
PRO CA  CB   sing N N 122 
PRO CA  HA   sing N N 123 
PRO C   O    doub N N 124 
PRO C   OXT  sing N N 125 
PRO CB  CG   sing N N 126 
PRO CB  HB2  sing N N 127 
PRO CB  HB3  sing N N 128 
PRO CG  CD   sing N N 129 
PRO CG  HG2  sing N N 130 
PRO CG  HG3  sing N N 131 
PRO CD  HD2  sing N N 132 
PRO CD  HD3  sing N N 133 
PRO OXT HXT  sing N N 134 
SER N   CA   sing N N 135 
SER N   H    sing N N 136 
SER N   H2   sing N N 137 
SER CA  C    sing N N 138 
SER CA  CB   sing N N 139 
SER CA  HA   sing N N 140 
SER C   O    doub N N 141 
SER C   OXT  sing N N 142 
SER CB  OG   sing N N 143 
SER CB  HB2  sing N N 144 
SER CB  HB3  sing N N 145 
SER OG  HG   sing N N 146 
SER OXT HXT  sing N N 147 
TRP N   CA   sing N N 148 
TRP N   H    sing N N 149 
TRP N   H2   sing N N 150 
TRP CA  C    sing N N 151 
TRP CA  CB   sing N N 152 
TRP CA  HA   sing N N 153 
TRP C   O    doub N N 154 
TRP C   OXT  sing N N 155 
TRP CB  CG   sing N N 156 
TRP CB  HB2  sing N N 157 
TRP CB  HB3  sing N N 158 
TRP CG  CD1  doub Y N 159 
TRP CG  CD2  sing Y N 160 
TRP CD1 NE1  sing Y N 161 
TRP CD1 HD1  sing N N 162 
TRP CD2 CE2  doub Y N 163 
TRP CD2 CE3  sing Y N 164 
TRP NE1 CE2  sing Y N 165 
TRP NE1 HE1  sing N N 166 
TRP CE2 CZ2  sing Y N 167 
TRP CE3 CZ3  doub Y N 168 
TRP CE3 HE3  sing N N 169 
TRP CZ2 CH2  doub Y N 170 
TRP CZ2 HZ2  sing N N 171 
TRP CZ3 CH2  sing Y N 172 
TRP CZ3 HZ3  sing N N 173 
TRP CH2 HH2  sing N N 174 
TRP OXT HXT  sing N N 175 
# 
loop_
_pdbx_audit_support.funding_organization 
_pdbx_audit_support.country 
_pdbx_audit_support.grant_number 
_pdbx_audit_support.ordinal 
'Biotechnology and Biological Sciences Research Council (BBSRC)'        'United Kingdom' BB/S002820/1 1 
'Biotechnology and Biological Sciences Research Council (BBSRC)'        'United Kingdom' BB/V006231/1 2 
'Max Planck Bristol Centre for Minimal Biology - University of Bristol' 'United Kingdom' ?            3 
# 
_pdbx_initial_refinement_model.id               1 
_pdbx_initial_refinement_model.entity_id_list   ? 
_pdbx_initial_refinement_model.type             'experimental model' 
_pdbx_initial_refinement_model.source_name      PDB 
_pdbx_initial_refinement_model.accession_code   6Q5S 
_pdbx_initial_refinement_model.details          ? 
# 
_space_group.name_H-M_alt     'P 31 2 1' 
_space_group.name_Hall        
;P 31 2"
;
_space_group.IT_number        152 
_space_group.crystal_system   trigonal 
_space_group.id               1 
# 
_atom_sites.entry_id                    8BCS 
_atom_sites.Cartn_transf_matrix[1][1]   ? 
_atom_sites.Cartn_transf_matrix[1][2]   ? 
_atom_sites.Cartn_transf_matrix[1][3]   ? 
_atom_sites.Cartn_transf_matrix[2][1]   ? 
_atom_sites.Cartn_transf_matrix[2][2]   ? 
_atom_sites.Cartn_transf_matrix[2][3]   ? 
_atom_sites.Cartn_transf_matrix[3][1]   ? 
_atom_sites.Cartn_transf_matrix[3][2]   ? 
_atom_sites.Cartn_transf_matrix[3][3]   ? 
_atom_sites.Cartn_transf_vector[1]      ? 
_atom_sites.Cartn_transf_vector[2]      ? 
_atom_sites.Cartn_transf_vector[3]      ? 
_atom_sites.fract_transf_matrix[1][1]   0.00299920 
_atom_sites.fract_transf_matrix[1][2]   0.00554820 
_atom_sites.fract_transf_matrix[1][3]   0.03105575 
_atom_sites.fract_transf_matrix[2][1]   0.00683390 
_atom_sites.fract_transf_matrix[2][2]   0.02918056 
_atom_sites.fract_transf_matrix[2][3]   0.01029492 
_atom_sites.fract_transf_matrix[3][1]   -0.01645639 
_atom_sites.fract_transf_matrix[3][2]   0.00351482 
_atom_sites.fract_transf_matrix[3][3]   0.00096134 
_atom_sites.fract_transf_vector[1]      -0.194518 
_atom_sites.fract_transf_vector[2]      -0.255252 
_atom_sites.fract_transf_vector[3]      0.061130 
_atom_sites.solution_primary            ? 
_atom_sites.solution_secondary          ? 
_atom_sites.solution_hydrogens          ? 
_atom_sites.special_details             ? 
# 
loop_
_atom_type.symbol 
_atom_type.scat_dispersion_real 
_atom_type.scat_dispersion_imag 
_atom_type.scat_Cromer_Mann_a1 
_atom_type.scat_Cromer_Mann_a2 
_atom_type.scat_Cromer_Mann_a3 
_atom_type.scat_Cromer_Mann_a4 
_atom_type.scat_Cromer_Mann_b1 
_atom_type.scat_Cromer_Mann_b2 
_atom_type.scat_Cromer_Mann_b3 
_atom_type.scat_Cromer_Mann_b4 
_atom_type.scat_Cromer_Mann_c 
_atom_type.scat_source 
_atom_type.scat_dispersion_source 
C ? ? 3.54356 2.42580 ? ? 25.62398 1.50364 ? ? 0.0 
;2-Gaussian fit: Grosse-Kunstleve RW, Sauter NK, Adams PD: Newsletter of the IUCr Commission on Crystallographic Computing 2004, 3, 22-31.
;
? 
N ? ? 4.01032 2.96436 ? ? 19.97189 1.75589 ? ? 0.0 
;2-Gaussian fit: Grosse-Kunstleve RW, Sauter NK, Adams PD: Newsletter of the IUCr Commission on Crystallographic Computing 2004, 3, 22-31.
;
? 
O ? ? 4.49882 3.47563 ? ? 15.80542 1.70748 ? ? 0.0 
;2-Gaussian fit: Grosse-Kunstleve RW, Sauter NK, Adams PD: Newsletter of the IUCr Commission on Crystallographic Computing 2004, 3, 22-31.
;
? 
# 
loop_
_atom_site.group_PDB 
_atom_site.id 
_atom_site.type_symbol 
_atom_site.label_atom_id 
_atom_site.label_alt_id 
_atom_site.label_comp_id 
_atom_site.label_asym_id 
_atom_site.label_entity_id 
_atom_site.label_seq_id 
_atom_site.pdbx_PDB_ins_code 
_atom_site.Cartn_x 
_atom_site.Cartn_y 
_atom_site.Cartn_z 
_atom_site.occupancy 
_atom_site.B_iso_or_equiv 
_atom_site.pdbx_formal_charge 
_atom_site.auth_seq_id 
_atom_site.auth_comp_id 
_atom_site.auth_asym_id 
_atom_site.auth_atom_id 
_atom_site.pdbx_PDB_model_num 
ATOM   1   N N   . GLY A 1 2  ? 5.12823   -16.32910 4.23083   1.000 76.43139  ? 1   GLY A N   1 
ATOM   2   C CA  . GLY A 1 2  ? 4.37930   -16.11455 5.45885   1.000 79.10117  ? 1   GLY A CA  1 
ATOM   3   C C   . GLY A 1 2  ? 3.67705   -14.76513 5.51068   1.000 81.16454  ? 1   GLY A C   1 
ATOM   4   O O   . GLY A 1 2  ? 3.06289   -14.34473 4.52360   1.000 80.51968  ? 1   GLY A O   1 
ATOM   5   N N   . GLU A 1 3  ? 3.75680   -14.08891 6.66532   1.000 73.30581  ? 2   GLU A N   1 
ATOM   6   C CA  . GLU A 1 3  ? 3.21057   -12.73836 6.78891   1.000 72.35462  ? 2   GLU A CA  1 
ATOM   7   C C   . GLU A 1 3  ? 3.77706   -11.79935 5.72436   1.000 71.11860  ? 2   GLU A C   1 
ATOM   8   O O   . GLU A 1 3  ? 3.08989   -10.87611 5.27812   1.000 67.49324  ? 2   GLU A O   1 
ATOM   9   C CB  . GLU A 1 3  ? 3.50303   -12.19325 8.18935   1.000 76.47249  ? 2   GLU A CB  1 
ATOM   10  C CG  . GLU A 1 3  ? 2.54704   -11.10907 8.67203   1.000 74.09957  ? 2   GLU A CG  1 
ATOM   11  N N   . LEU A 1 4  ? 5.02761   -12.02100 5.30701   1.000 69.63603  ? 3   LEU A N   1 
ATOM   12  C CA  . LEU A 1 4  ? 5.59856   -11.22929 4.22607   1.000 73.11587  ? 3   LEU A CA  1 
ATOM   13  C C   . LEU A 1 4  ? 4.94167   -11.56117 2.89100   1.000 72.41030  ? 3   LEU A C   1 
ATOM   14  O O   . LEU A 1 4  ? 4.79079   -10.68214 2.03863   1.000 65.67578  ? 3   LEU A O   1 
ATOM   15  C CB  . LEU A 1 4  ? 7.10714   -11.45295 4.14797   1.000 67.39973  ? 3   LEU A CB  1 
ATOM   16  C CG  . LEU A 1 4  ? 7.86947   -10.81396 5.30593   1.000 68.88399  ? 3   LEU A CG  1 
ATOM   17  C CD1 . LEU A 1 4  ? 9.35732   -11.21425 5.25589   1.000 66.34052  ? 3   LEU A CD1 1 
ATOM   18  C CD2 . LEU A 1 4  ? 7.69060   -9.30938  5.28159   1.000 64.08225  ? 3   LEU A CD2 1 
ATOM   19  N N   . GLU A 1 5  ? 4.56837   -12.83208 2.69033   1.000 76.83114  ? 4   GLU A N   1 
ATOM   20  C CA  . GLU A 1 5  ? 3.82734   -13.21683 1.49329   1.000 76.49655  ? 4   GLU A CA  1 
ATOM   21  C C   . GLU A 1 5  ? 2.48560   -12.50690 1.43978   1.000 75.83578  ? 4   GLU A C   1 
ATOM   22  O O   . GLU A 1 5  ? 2.05763   -12.04635 0.37227   1.000 75.43506  ? 4   GLU A O   1 
ATOM   23  C CB  . GLU A 1 5  ? 3.62996   -14.73114 1.45944   1.000 77.64695  ? 4   GLU A CB  1 
ATOM   24  N N   . ALA A 1 6  ? 1.81672   -12.39057 2.59137   1.000 71.42304  ? 5   ALA A N   1 
ATOM   25  C CA  . ALA A 1 6  ? 0.56197   -11.64644 2.65713   1.000 68.67674  ? 5   ALA A CA  1 
ATOM   26  C C   . ALA A 1 6  ? 0.77328   -10.16204 2.37252   1.000 67.05627  ? 5   ALA A C   1 
ATOM   27  O O   . ALA A 1 6  ? -0.06940  -9.52085  1.73317   1.000 62.22372  ? 5   ALA A O   1 
ATOM   28  C CB  . ALA A 1 6  ? -0.08825  -11.84603 4.02078   1.000 72.97989  ? 5   ALA A CB  1 
ATOM   29  N N   . LEU A 1 7  ? 1.89894   -9.59835  2.81939   1.000 65.77198  ? 6   LEU A N   1 
ATOM   30  C CA  . LEU A 1 7  ? 2.10021   -8.16989  2.61996   1.000 62.13598  ? 6   LEU A CA  1 
ATOM   31  C C   . LEU A 1 7  ? 2.42731   -7.86759  1.17043   1.000 60.08597  ? 6   LEU A C   1 
ATOM   32  O O   . LEU A 1 7  ? 1.99723   -6.83810  0.63407   1.000 58.59948  ? 6   LEU A O   1 
ATOM   33  C CB  . LEU A 1 7  ? 3.19143   -7.64114  3.55195   1.000 59.70954  ? 6   LEU A CB  1 
ATOM   34  C CG  . LEU A 1 7  ? 2.74745   -7.51724  5.01913   1.000 65.09658  ? 6   LEU A CG  1 
ATOM   35  C CD1 . LEU A 1 7  ? 3.87676   -7.85262  5.94038   1.000 65.84383  ? 6   LEU A CD1 1 
ATOM   36  C CD2 . LEU A 1 7  ? 2.14689   -6.15480  5.37904   1.000 64.65567  ? 6   LEU A CD2 1 
ATOM   37  N N   . ALA A 1 8  ? 3.19798   -8.74809  0.52280   1.000 60.32911  ? 7   ALA A N   1 
ATOM   38  C CA  . ALA A 1 8  ? 3.46567   -8.57405  -0.89619  1.000 62.64202  ? 7   ALA A CA  1 
ATOM   39  C C   . ALA A 1 8  ? 2.16539   -8.56788  -1.68193  1.000 60.96131  ? 7   ALA A C   1 
ATOM   40  O O   . ALA A 1 8  ? 2.01648   -7.81621  -2.64863  1.000 57.26670  ? 7   ALA A O   1 
ATOM   41  C CB  . ALA A 1 8  ? 4.39766   -9.67491  -1.39568  1.000 61.39589  ? 7   ALA A CB  1 
ATOM   42  N N   . LYS A 1 9  ? 1.19802   -9.37302  -1.25400  1.000 59.83908  ? 8   LYS A N   1 
ATOM   43  C CA  . LYS A 1 9  ? -0.10207  -9.36434  -1.90539  1.000 63.23643  ? 8   LYS A CA  1 
ATOM   44  C C   . LYS A 1 9  ? -0.80016  -8.02096  -1.72530  1.000 57.76002  ? 8   LYS A C   1 
ATOM   45  O O   . LYS A 1 9  ? -1.42487  -7.50951  -2.66488  1.000 54.30191  ? 8   LYS A O   1 
ATOM   46  C CB  . LYS A 1 9  ? -0.96681  -10.50143 -1.36497  1.000 64.95478  ? 8   LYS A CB  1 
ATOM   47  C CG  . LYS A 1 9  ? -0.71308  -11.83655 -2.04613  1.000 74.01843  ? 8   LYS A CG  1 
ATOM   48  N N   . LYS A 1 10 ? -0.74167  -7.44487  -0.51592  1.000 52.65869  ? 9   LYS A N   1 
ATOM   49  C CA  . LYS A 1 10 ? -1.40518  -6.15581  -0.33411  1.000 55.08815  ? 9   LYS A CA  1 
ATOM   50  C C   . LYS A 1 10 ? -0.72731  -5.07893  -1.17079  1.000 50.44448  ? 9   LYS A C   1 
ATOM   51  O O   . LYS A 1 10 ? -1.41190  -4.20933  -1.70986  1.000 47.83588  ? 9   LYS A O   1 
ATOM   52  C CB  . LYS A 1 10 ? -1.44758  -5.74405  1.13408   1.000 54.32232  ? 9   LYS A CB  1 
ATOM   53  N N   . LEU A 1 11 ? 0.60496   -5.14782  -1.30893  1.000 50.87733  ? 10  LEU A N   1 
ATOM   54  C CA  . LEU A 1 11 ? 1.35487   -4.18021  -2.10844  1.000 52.75617  ? 10  LEU A CA  1 
ATOM   55  C C   . LEU A 1 11 ? 1.05766   -4.32949  -3.59961  1.000 52.19225  ? 10  LEU A C   1 
ATOM   56  O O   . LEU A 1 11 ? 0.97818   -3.33445  -4.32029  1.000 52.57194  ? 10  LEU A O   1 
ATOM   57  C CB  . LEU A 1 11 ? 2.85778   -4.32862  -1.85741  1.000 50.74374  ? 10  LEU A CB  1 
ATOM   58  C CG  . LEU A 1 11 ? 3.71630   -3.08422  -2.12532  1.000 57.62964  ? 10  LEU A CG  1 
ATOM   59  C CD1 . LEU A 1 11 ? 3.07741   -1.83240  -1.49108  1.000 51.45887  ? 10  LEU A CD1 1 
ATOM   60  C CD2 . LEU A 1 11 ? 5.19296   -3.24612  -1.64319  1.000 53.85010  ? 10  LEU A CD2 1 
ATOM   61  N N   . LYS A 1 12 ? 0.91302   -5.55854  -4.08917  1.000 55.64496  ? 11  LYS A N   1 
ATOM   62  C CA  . LYS A 1 12 ? 0.46613   -5.73545  -5.46422  1.000 55.76974  ? 11  LYS A CA  1 
ATOM   63  C C   . LYS A 1 12 ? -0.96131  -5.21417  -5.64639  1.000 55.64529  ? 11  LYS A C   1 
ATOM   64  O O   . LYS A 1 12 ? -1.28702  -4.62767  -6.68630  1.000 54.63972  ? 11  LYS A O   1 
ATOM   65  C CB  . LYS A 1 12 ? 0.56988   -7.20362  -5.85951  1.000 59.08339  ? 11  LYS A CB  1 
ATOM   66  C CG  . LYS A 1 12 ? 0.21059   -7.47494  -7.33601  1.000 67.70449  ? 11  LYS A CG  1 
ATOM   67  C CD  . LYS A 1 12 ? 1.08171   -8.57488  -7.95161  1.000 68.60068  ? 11  LYS A CD  1 
ATOM   68  N N   . ALA A 1 13 ? -1.82595  -5.40794  -4.64326  1.000 49.04166  ? 12  ALA A N   1 
ATOM   69  C CA  . ALA A 1 13 ? -3.17016  -4.83059  -4.71024  1.000 51.42783  ? 12  ALA A CA  1 
ATOM   70  C C   . ALA A 1 13 ? -3.12036  -3.30260  -4.72802  1.000 55.48191  ? 12  ALA A C   1 
ATOM   71  O O   . ALA A 1 13 ? -3.86932  -2.65776  -5.47686  1.000 50.82801  ? 12  ALA A O   1 
ATOM   72  C CB  . ALA A 1 13 ? -4.02442  -5.31447  -3.53808  1.000 52.89063  ? 12  ALA A CB  1 
ATOM   73  N N   . LEU A 1 14 ? -2.22454  -2.70538  -3.93735  1.000 52.77748  ? 13  LEU A N   1 
ATOM   74  C CA  . LEU A 1 14 ? -2.16278  -1.24814  -3.89489  1.000 54.90737  ? 13  LEU A CA  1 
ATOM   75  C C   . LEU A 1 14 ? -1.61087  -0.66784  -5.19504  1.000 53.66748  ? 13  LEU A C   1 
ATOM   76  O O   . LEU A 1 14 ? -2.01621  0.42851   -5.60492  1.000 52.82704  ? 13  LEU A O   1 
ATOM   77  C CB  . LEU A 1 14 ? -1.33392  -0.78607  -2.70440  1.000 47.20735  ? 13  LEU A CB  1 
ATOM   78  C CG  . LEU A 1 14 ? -2.02183  -1.03556  -1.36513  1.000 53.22442  ? 13  LEU A CG  1 
ATOM   79  C CD1 . LEU A 1 14 ? -1.03890  -0.77334  -0.24296  1.000 52.45497  ? 13  LEU A CD1 1 
ATOM   80  C CD2 . LEU A 1 14 ? -3.25799  -0.17531  -1.21299  1.000 53.17073  ? 13  LEU A CD2 1 
ATOM   81  N N   . ALA A 1 15 ? -0.67096  -1.37018  -5.84131  1.000 52.71308  ? 14  ALA A N   1 
ATOM   82  C CA  . ALA A 1 15 ? -0.14595  -0.88915  -7.11617  1.000 54.83874  ? 14  ALA A CA  1 
ATOM   83  C C   . ALA A 1 15 ? -1.23531  -0.87147  -8.17308  1.000 56.90218  ? 14  ALA A C   1 
ATOM   84  O O   . ALA A 1 15 ? -1.21735  -0.03313  -9.08989  1.000 54.55772  ? 14  ALA A O   1 
ATOM   85  C CB  . ALA A 1 15 ? 1.01909   -1.77252  -7.57730  1.000 57.14226  ? 14  ALA A CB  1 
ATOM   86  N N   . TRP A 1 16 ? -2.17788  -1.79790  -8.05190  1.000 51.18437  ? 15  TRP A N   1 
ATOM   87  C CA  . TRP A 1 16 ? -3.32222  -1.88550  -8.94624  1.000 57.82145  ? 15  TRP A CA  1 
ATOM   88  C C   . TRP A 1 16 ? -4.32452  -0.78303  -8.65706  1.000 58.52110  ? 15  TRP A C   1 
ATOM   89  O O   . TRP A 1 16 ? -4.95156  -0.23957  -9.57809  1.000 58.31636  ? 15  TRP A O   1 
ATOM   90  C CB  . TRP A 1 16 ? -3.97117  -3.25571  -8.76865  1.000 56.88742  ? 15  TRP A CB  1 
ATOM   91  C CG  . TRP A 1 16 ? -5.22716  -3.45405  -9.52125  1.000 59.81364  ? 15  TRP A CG  1 
ATOM   92  C CD1 . TRP A 1 16 ? -6.50297  -3.37350  -9.03809  1.000 62.89053  ? 15  TRP A CD1 1 
ATOM   93  C CD2 . TRP A 1 16 ? -5.34051  -3.81009  -10.89624 1.000 66.27424  ? 15  TRP A CD2 1 
ATOM   94  N NE1 . TRP A 1 16 ? -7.40720  -3.66645  -10.03307 1.000 69.12170  ? 15  TRP A NE1 1 
ATOM   95  C CE2 . TRP A 1 16 ? -6.71837  -3.91832  -11.18927 1.000 70.01242  ? 15  TRP A CE2 1 
ATOM   96  C CE3 . TRP A 1 16 ? -4.41210  -4.03213  -11.91741 1.000 69.03508  ? 15  TRP A CE3 1 
ATOM   97  C CZ2 . TRP A 1 16 ? -7.18565  -4.23974  -12.45514 1.000 74.41222  ? 15  TRP A CZ2 1 
ATOM   98  C CZ3 . TRP A 1 16 ? -4.88015  -4.34373  -13.17985 1.000 72.58372  ? 15  TRP A CZ3 1 
ATOM   99  C CH2 . TRP A 1 16 ? -6.25691  -4.45156  -13.43778 1.000 79.38856  ? 15  TRP A CH2 1 
ATOM   100 N N   . LYS A 1 17 ? -4.52419  -0.47091  -7.37766  1.000 50.49470  ? 16  LYS A N   1 
ATOM   101 C CA  . LYS A 1 17 ? -5.32575  0.69314   -7.03304  1.000 58.88694  ? 16  LYS A CA  1 
ATOM   102 C C   . LYS A 1 17 ? -4.73603  1.94857   -7.66476  1.000 60.10256  ? 16  LYS A C   1 
ATOM   103 O O   . LYS A 1 17 ? -5.46797  2.76897   -8.22070  1.000 58.02648  ? 16  LYS A O   1 
ATOM   104 C CB  . LYS A 1 17 ? -5.42188  0.82834   -5.50864  1.000 60.28695  ? 16  LYS A CB  1 
ATOM   105 C CG  . LYS A 1 17 ? -6.81155  1.19250   -4.97812  1.000 63.72882  ? 16  LYS A CG  1 
ATOM   106 C CD  . LYS A 1 17 ? -6.84280  1.25366   -3.42238  1.000 64.11060  ? 16  LYS A CD  1 
ATOM   107 C CE  . LYS A 1 17 ? -7.22618  -0.11165  -2.81933  1.000 68.21599  ? 16  LYS A CE  1 
ATOM   108 N NZ  . LYS A 1 17 ? -7.40340  -0.17365  -1.31316  1.000 70.49865  ? 16  LYS A NZ  1 
ATOM   109 N N   . LEU A 1 18 ? -3.40821  2.08845   -7.62524  1.000 57.74343  ? 17  LEU A N   1 
ATOM   110 C CA  . LEU A 1 18 ? -2.77963  3.30139   -8.13770  1.000 61.35347  ? 17  LEU A CA  1 
ATOM   111 C C   . LEU A 1 18 ? -2.79944  3.34070   -9.65496  1.000 60.86895  ? 17  LEU A C   1 
ATOM   112 O O   . LEU A 1 18 ? -2.90674  4.42533   -10.23254 1.000 63.40726  ? 17  LEU A O   1 
ATOM   113 C CB  . LEU A 1 18 ? -1.33978  3.43262   -7.62165  1.000 55.24825  ? 17  LEU A CB  1 
ATOM   114 C CG  . LEU A 1 18 ? -0.54039  4.71169   -7.92396  1.000 58.16446  ? 17  LEU A CG  1 
ATOM   115 C CD1 . LEU A 1 18 ? -1.26140  5.96612   -7.44268  1.000 56.88865  ? 17  LEU A CD1 1 
ATOM   116 C CD2 . LEU A 1 18 ? 0.83991   4.65222   -7.27418  1.000 57.10089  ? 17  LEU A CD2 1 
ATOM   117 N N   . LYS A 1 19 ? -2.67952  2.18378   -10.31528 1.000 62.27651  ? 18  LYS A N   1 
ATOM   118 C CA  . LYS A 1 19 ? -2.82727  2.16184   -11.76488 1.000 64.14166  ? 18  LYS A CA  1 
ATOM   119 C C   . LYS A 1 19 ? -4.21898  2.63471   -12.17523 1.000 63.91169  ? 18  LYS A C   1 
ATOM   120 O O   . LYS A 1 19 ? -4.36425  3.43349   -13.11166 1.000 67.32837  ? 18  LYS A O   1 
ATOM   121 C CB  . LYS A 1 19 ? -2.55100  0.75923   -12.32201 1.000 65.29085  ? 18  LYS A CB  1 
ATOM   122 C CG  . LYS A 1 19 ? -2.34569  0.77311   -13.85510 1.000 63.38189  ? 18  LYS A CG  1 
ATOM   123 C CD  . LYS A 1 19 ? -2.47985  -0.60278  -14.50485 1.000 75.41160  ? 18  LYS A CD  1 
ATOM   124 N N   . ALA A 1 20 ? -5.25323  2.16557   -11.47327 1.000 59.25487  ? 19  ALA A N   1 
ATOM   125 C CA  . ALA A 1 20 ? -6.60119  2.63725   -11.76152 1.000 66.38075  ? 19  ALA A CA  1 
ATOM   126 C C   . ALA A 1 20 ? -6.75025  4.10347   -11.39835 1.000 68.90363  ? 19  ALA A C   1 
ATOM   127 O O   . ALA A 1 20 ? -7.37494  4.87099   -12.13415 1.000 67.71174  ? 19  ALA A O   1 
ATOM   128 C CB  . ALA A 1 20 ? -7.63001  1.81671   -10.99674 1.000 66.41837  ? 19  ALA A CB  1 
ATOM   129 N N   . LEU A 1 21 ? -6.17816  4.50010   -10.26132 1.000 65.30014  ? 20  LEU A N   1 
ATOM   130 C CA  . LEU A 1 21 ? -6.32309  5.86995   -9.79085  1.000 70.09726  ? 20  LEU A CA  1 
ATOM   131 C C   . LEU A 1 21 ? -5.75148  6.87505   -10.78141 1.000 70.86912  ? 20  LEU A C   1 
ATOM   132 O O   . LEU A 1 21 ? -6.24204  8.00433   -10.87715 1.000 75.52918  ? 20  LEU A O   1 
ATOM   133 C CB  . LEU A 1 21 ? -5.63012  6.01422   -8.44971  1.000 65.14531  ? 20  LEU A CB  1 
ATOM   134 C CG  . LEU A 1 21 ? -6.31652  6.91156   -7.43787  1.000 72.82296  ? 20  LEU A CG  1 
ATOM   135 C CD1 . LEU A 1 21 ? -7.82070  6.85742   -7.61873  1.000 71.03771  ? 20  LEU A CD1 1 
ATOM   136 C CD2 . LEU A 1 21 ? -5.89862  6.48074   -6.02011  1.000 64.83054  ? 20  LEU A CD2 1 
ATOM   137 N N   . SER A 1 22 ? -4.70544  6.49070   -11.50989 1.000 68.73910  ? 21  SER A N   1 
ATOM   138 C CA  . SER A 1 22 ? -4.06512  7.39099   -12.44907 1.000 68.68093  ? 21  SER A CA  1 
ATOM   139 C C   . SER A 1 22 ? -4.98061  7.74445   -13.61584 1.000 76.47698  ? 21  SER A C   1 
ATOM   140 O O   . SER A 1 22 ? -4.73617  8.74227   -14.30703 1.000 74.99871  ? 21  SER A O   1 
ATOM   141 C CB  . SER A 1 22 ? -2.76445  6.76285   -12.94180 1.000 65.29234  ? 21  SER A CB  1 
ATOM   142 O OG  . SER A 1 22 ? -3.02711  5.50232   -13.51311 1.000 72.53953  ? 21  SER A OG  1 
ATOM   143 N N   . LYS A 1 23 ? -6.04491  6.98043   -13.84035 1.000 73.66385  ? 22  LYS A N   1 
ATOM   144 C CA  . LYS A 1 23 ? -7.03283  7.38225   -14.82828 1.000 76.30386  ? 22  LYS A CA  1 
ATOM   145 C C   . LYS A 1 23 ? -8.26033  8.03518   -14.20813 1.000 74.65845  ? 22  LYS A C   1 
ATOM   146 O O   . LYS A 1 23 ? -9.11977  8.51855   -14.94308 1.000 76.37161  ? 22  LYS A O   1 
ATOM   147 C CB  . LYS A 1 23 ? -7.45129  6.17134   -15.67079 1.000 75.72352  ? 22  LYS A CB  1 
ATOM   148 C CG  . LYS A 1 23 ? -6.29858  5.21546   -15.95510 1.000 76.61129  ? 22  LYS A CG  1 
ATOM   149 N N   . GLU A 1 24 ? -8.36514  8.06357   -12.88005 1.000 81.68741  ? 23  GLU A N   1 
ATOM   150 C CA  . GLU A 1 24 ? -9.53787  8.60901   -12.19166 1.000 84.13418  ? 23  GLU A CA  1 
ATOM   151 C C   . GLU A 1 24 ? -9.08761  9.31955   -10.92161 1.000 83.83467  ? 23  GLU A C   1 
ATOM   152 O O   . GLU A 1 24 ? -9.50504  8.96691   -9.81736  1.000 85.71636  ? 23  GLU A O   1 
ATOM   153 C CB  . GLU A 1 24 ? -10.52786 7.49768   -11.83812 1.000 85.98564  ? 23  GLU A CB  1 
ATOM   154 C CG  . GLU A 1 24 ? -11.94024 7.68571   -12.33233 1.000 92.30089  ? 23  GLU A CG  1 
ATOM   155 C CD  . GLU A 1 24 ? -12.81560 6.47955   -12.00157 1.000 104.23950 ? 23  GLU A CD  1 
ATOM   156 O OE1 . GLU A 1 24 ? -12.33228 5.33213   -12.13896 1.000 103.92306 ? 23  GLU A OE1 1 
ATOM   157 O OE2 . GLU A 1 24 ? -13.96707 6.68059   -11.54850 1.000 111.09013 ? 23  GLU A OE2 1 
ATOM   158 N N   . PRO A 1 25 ? -8.21562  10.31349  -11.04261 1.000 77.06418  ? 24  PRO A N   1 
ATOM   159 C CA  . PRO A 1 25 ? -7.55014  10.82239  -9.83947  1.000 76.71313  ? 24  PRO A CA  1 
ATOM   160 C C   . PRO A 1 25 ? -8.38826  11.86420  -9.13027  1.000 76.92427  ? 24  PRO A C   1 
ATOM   161 O O   . PRO A 1 25 ? -9.19091  12.57380  -9.73768  1.000 73.51584  ? 24  PRO A O   1 
ATOM   162 C CB  . PRO A 1 25 ? -6.25687  11.45309  -10.38023 1.000 73.77726  ? 24  PRO A CB  1 
ATOM   163 C CG  . PRO A 1 25 ? -6.35053  11.40887  -11.89182 1.000 71.85623  ? 24  PRO A CG  1 
ATOM   164 C CD  . PRO A 1 25 ? -7.77361  11.04113  -12.23803 1.000 72.88220  ? 24  PRO A CD  1 
ATOM   165 N N   . SER A 1 26 ? -8.18296  11.93436  -7.81863  1.000 75.08316  ? 25  SER A N   1 
ATOM   166 C CA  . SER A 1 26 ? -8.52989  13.11283  -7.03792  1.000 77.11393  ? 25  SER A CA  1 
ATOM   167 C C   . SER A 1 26 ? -7.80452  13.02675  -5.70251  1.000 74.47447  ? 25  SER A C   1 
ATOM   168 O O   . SER A 1 26 ? -7.37124  11.94690  -5.27795  1.000 75.13858  ? 25  SER A O   1 
ATOM   169 C CB  . SER A 1 26 ? -10.04495 13.26477  -6.82607  1.000 80.98617  ? 25  SER A CB  1 
ATOM   170 O OG  . SER A 1 26 ? -10.48536 12.45778  -5.75154  1.000 85.06704  ? 25  SER A OG  1 
ATOM   171 N N   . ALA A 1 27 ? -7.67525  14.18898  -5.05644  1.000 74.54620  ? 26  ALA A N   1 
ATOM   172 C CA  . ALA A 1 27 ? -6.87034  14.30347  -3.84676  1.000 73.93400  ? 26  ALA A CA  1 
ATOM   173 C C   . ALA A 1 27 ? -7.29212  13.28348  -2.79648  1.000 75.35424  ? 26  ALA A C   1 
ATOM   174 O O   . ALA A 1 27 ? -6.45319  12.57434  -2.23600  1.000 75.64776  ? 26  ALA A O   1 
ATOM   175 C CB  . ALA A 1 27 ? -6.96812  15.72523  -3.30233  1.000 76.79651  ? 26  ALA A CB  1 
ATOM   176 N N   . GLN A 1 28 ? -8.57922  13.19196  -2.52610  1.000 79.35274  ? 27  GLN A N   1 
ATOM   177 C CA  . GLN A 1 28 ? -9.00094  12.28572  -1.43506  1.000 77.35715  ? 27  GLN A CA  1 
ATOM   178 C C   . GLN A 1 28 ? -8.42671  10.89318  -1.67985  1.000 75.34552  ? 27  GLN A C   1 
ATOM   179 O O   . GLN A 1 28 ? -7.70054  10.40145  -0.81120  1.000 76.45751  ? 27  GLN A O   1 
ATOM   180 C CB  . GLN A 1 28 ? -10.52498 12.22232  -1.36101  1.000 79.84222  ? 27  GLN A CB  1 
ATOM   181 N N   . GLU A 1 29 ? -8.73654  10.29684  -2.82197  1.000 74.46948  ? 28  GLU A N   1 
ATOM   182 C CA  . GLU A 1 29 ? -8.32571  8.89442   -3.07496  1.000 71.28374  ? 28  GLU A CA  1 
ATOM   183 C C   . GLU A 1 29 ? -6.80243  8.77947   -3.01848  1.000 72.04848  ? 28  GLU A C   1 
ATOM   184 O O   . GLU A 1 29 ? -6.30584  7.76639   -2.50816  1.000 65.93678  ? 28  GLU A O   1 
ATOM   185 C CB  . GLU A 1 29 ? -8.88509  8.45187   -4.42272  1.000 70.38075  ? 28  GLU A CB  1 
ATOM   186 C CG  . GLU A 1 29 ? -10.24402 9.04961   -4.72857  1.000 79.54026  ? 28  GLU A CG  1 
ATOM   187 C CD  . GLU A 1 29 ? -10.47722 9.37956   -6.19233  1.000 86.43478  ? 28  GLU A CD  1 
ATOM   188 O OE1 . GLU A 1 29 ? -9.68711  10.15346  -6.75266  1.000 86.27147  ? 28  GLU A OE1 1 
ATOM   189 O OE2 . GLU A 1 29 ? -11.44812 8.85577   -6.76579  1.000 90.02839  ? 28  GLU A OE2 1 
ATOM   190 N N   . LEU A 1 30 ? -6.10256  9.78088   -3.53582  1.000 69.99646  ? 29  LEU A N   1 
ATOM   191 C CA  . LEU A 1 30 ? -4.62552  9.70204   -3.57871  1.000 71.37900  ? 29  LEU A CA  1 
ATOM   192 C C   . LEU A 1 30 ? -4.09259  9.76261   -2.14648  1.000 69.80895  ? 29  LEU A C   1 
ATOM   193 O O   . LEU A 1 30 ? -3.39370  8.82117   -1.74878  1.000 67.70108  ? 29  LEU A O   1 
ATOM   194 C CB  . LEU A 1 30 ? -4.09153  10.85256  -4.43014  1.000 70.38108  ? 29  LEU A CB  1 
ATOM   195 C CG  . LEU A 1 30 ? -4.14876  10.61809  -5.93764  1.000 73.07263  ? 29  LEU A CG  1 
ATOM   196 C CD1 . LEU A 1 30 ? -3.76512  11.87815  -6.69500  1.000 72.31115  ? 29  LEU A CD1 1 
ATOM   197 C CD2 . LEU A 1 30 ? -3.24715  9.46191   -6.33404  1.000 67.60247  ? 29  LEU A CD2 1 
ATOM   198 N N   . GLU A 1 31 ? -4.42996  10.81292  -1.39976  1.000 69.78794  ? 30  GLU A N   1 
ATOM   199 C CA  . GLU A 1 31 ? -3.97634  10.84046  -0.01212  1.000 70.95285  ? 30  GLU A CA  1 
ATOM   200 C C   . GLU A 1 31 ? -4.46534  9.61895   0.76441   1.000 70.82753  ? 30  GLU A C   1 
ATOM   201 O O   . GLU A 1 31 ? -3.79917  9.19963   1.72622   1.000 68.56654  ? 30  GLU A O   1 
ATOM   202 C CB  . GLU A 1 31 ? -4.39615  12.15517  0.67089   1.000 64.47603  ? 30  GLU A CB  1 
ATOM   203 C CG  . GLU A 1 31 ? -5.88001  12.30038  0.98576   1.000 75.68571  ? 30  GLU A CG  1 
ATOM   204 N N   . ALA A 1 32 ? -5.56851  9.00510   0.32475   1.000 69.24493  ? 31  ALA A N   1 
ATOM   205 C CA  . ALA A 1 32 ? -6.01160  7.73342   0.89596   1.000 69.53212  ? 31  ALA A CA  1 
ATOM   206 C C   . ALA A 1 32 ? -5.00455  6.62324   0.62854   1.000 69.14741  ? 31  ALA A C   1 
ATOM   207 O O   . ALA A 1 32 ? -4.58739  5.90806   1.54768   1.000 62.98450  ? 31  ALA A O   1 
ATOM   208 C CB  . ALA A 1 32 ? -7.37333  7.34020   0.32576   1.000 70.71973  ? 31  ALA A CB  1 
ATOM   209 N N   . LEU A 1 33 ? -4.64306  6.42837   -0.64123  1.000 65.13859  ? 32  LEU A N   1 
ATOM   210 C CA  . LEU A 1 33 ? -3.68516  5.38335   -0.97145  1.000 66.10000  ? 32  LEU A CA  1 
ATOM   211 C C   . LEU A 1 33 ? -2.32680  5.66939   -0.34760  1.000 60.62079  ? 32  LEU A C   1 
ATOM   212 O O   . LEU A 1 33 ? -1.64277  4.75119   0.11411   1.000 57.79616  ? 32  LEU A O   1 
ATOM   213 C CB  . LEU A 1 33 ? -3.58929  5.23972   -2.48714  1.000 62.94633  ? 32  LEU A CB  1 
ATOM   214 C CG  . LEU A 1 33 ? -2.97661  3.95541   -3.03038  1.000 58.98370  ? 32  LEU A CG  1 
ATOM   215 C CD1 . LEU A 1 33 ? -3.36081  3.86102   -4.49319  1.000 62.92110  ? 32  LEU A CD1 1 
ATOM   216 C CD2 . LEU A 1 33 ? -1.48330  3.99305   -2.94019  1.000 55.67994  ? 32  LEU A CD2 1 
ATOM   217 N N   . ALA A 1 34 ? -1.93084  6.94156   -0.30714  1.000 65.73361  ? 33  ALA A N   1 
ATOM   218 C CA  . ALA A 1 34 ? -0.67655  7.31149   0.33265   1.000 62.12816  ? 33  ALA A CA  1 
ATOM   219 C C   . ALA A 1 34 ? -0.62860  6.80422   1.76330   1.000 65.82335  ? 33  ALA A C   1 
ATOM   220 O O   . ALA A 1 34 ? 0.37416   6.22621   2.19424   1.000 63.16955  ? 33  ALA A O   1 
ATOM   221 C CB  . ALA A 1 34 ? -0.48730  8.82615   0.27857   1.000 60.46903  ? 33  ALA A CB  1 
ATOM   222 N N   . GLN A 1 35 ? -1.71020  6.99020   2.52049   1.000 64.01801  ? 34  GLN A N   1 
ATOM   223 C CA  . GLN A 1 35 ? -1.66984  6.52771   3.90309   1.000 63.35922  ? 34  GLN A CA  1 
ATOM   224 C C   . GLN A 1 35 ? -1.72894  5.00075   3.98570   1.000 64.98933  ? 34  GLN A C   1 
ATOM   225 O O   . GLN A 1 35 ? -1.15085  4.40501   4.90887   1.000 61.88839  ? 34  GLN A O   1 
ATOM   226 C CB  . GLN A 1 35 ? -2.77496  7.20536   4.70439   1.000 69.50344  ? 34  GLN A CB  1 
ATOM   227 C CG  . GLN A 1 35 ? -2.60645  8.75955   4.76441   1.000 71.77805  ? 34  GLN A CG  1 
ATOM   228 C CD  . GLN A 1 35 ? -1.32453  9.21854   5.48128   1.000 73.77771  ? 34  GLN A CD  1 
ATOM   229 O OE1 . GLN A 1 35 ? -1.13245  8.95834   6.66999   1.000 78.54132  ? 34  GLN A OE1 1 
ATOM   230 N NE2 . GLN A 1 35 ? -0.45043  9.91403   4.75193   1.000 75.08305  ? 34  GLN A NE2 1 
ATOM   231 N N   . GLU A 1 36 ? -2.35169  4.34890   3.00241   1.000 59.07667  ? 35  GLU A N   1 
ATOM   232 C CA  . GLU A 1 36 ? -2.28254  2.89082   2.92469   1.000 57.79161  ? 35  GLU A CA  1 
ATOM   233 C C   . GLU A 1 36 ? -0.84299  2.39774   2.77263   1.000 61.48870  ? 35  GLU A C   1 
ATOM   234 O O   . GLU A 1 36 ? -0.45490  1.39423   3.38941   1.000 63.46268  ? 35  GLU A O   1 
ATOM   235 C CB  . GLU A 1 36 ? -3.11805  2.39348   1.74932   1.000 62.26074  ? 35  GLU A CB  1 
ATOM   236 C CG  . GLU A 1 36 ? -4.62859  2.52848   1.90766   1.000 64.31354  ? 35  GLU A CG  1 
ATOM   237 C CD  . GLU A 1 36 ? -5.30905  1.17958   1.88879   1.000 67.61200  ? 35  GLU A CD  1 
ATOM   238 O OE1 . GLU A 1 36 ? -4.97016  0.32137   2.74510   1.000 73.94200  ? 35  GLU A OE1 1 
ATOM   239 O OE2 . GLU A 1 36 ? -6.13001  0.95727   0.97384   1.000 72.81341  ? 35  GLU A OE2 1 
ATOM   240 N N   . LEU A 1 37 ? -0.03980  3.06070   1.93015   1.000 56.51518  ? 36  LEU A N   1 
ATOM   241 C CA  . LEU A 1 37 ? 1.35988   2.65142   1.78869   1.000 58.51873  ? 36  LEU A CA  1 
ATOM   242 C C   . LEU A 1 37 ? 2.11488   2.83609   3.09727   1.000 60.82026  ? 36  LEU A C   1 
ATOM   243 O O   . LEU A 1 37 ? 2.92707   1.98625   3.48640   1.000 56.88586  ? 36  LEU A O   1 
ATOM   244 C CB  . LEU A 1 37 ? 2.04439   3.43825   0.67081   1.000 55.20703  ? 36  LEU A CB  1 
ATOM   245 C CG  . LEU A 1 37 ? 1.47834   3.23679   -0.74333  1.000 57.76490  ? 36  LEU A CG  1 
ATOM   246 C CD1 . LEU A 1 37 ? 2.02403   4.26625   -1.70569  1.000 57.44645  ? 36  LEU A CD1 1 
ATOM   247 C CD2 . LEU A 1 37 ? 1.74284   1.83082   -1.26156  1.000 52.14146  ? 36  LEU A CD2 1 
ATOM   248 N N   . GLU A 1 38 ? 1.84619   3.93747   3.79830   1.000 64.65173  ? 37  GLU A N   1 
ATOM   249 C CA  . GLU A 1 38 ? 2.56467   4.22680   5.02842   1.000 65.20396  ? 37  GLU A CA  1 
ATOM   250 C C   . GLU A 1 38 ? 2.27682   3.17415   6.08852   1.000 64.52378  ? 37  GLU A C   1 
ATOM   251 O O   . GLU A 1 38 ? 3.17642   2.79763   6.85718   1.000 65.60692  ? 37  GLU A O   1 
ATOM   252 C CB  . GLU A 1 38 ? 2.20268   5.62850   5.50651   1.000 68.00355  ? 37  GLU A CB  1 
ATOM   253 C CG  . GLU A 1 38 ? 2.59640   6.65895   4.46367   1.000 72.25802  ? 37  GLU A CG  1 
ATOM   254 C CD  . GLU A 1 38 ? 3.10072   7.95832   5.03230   1.000 84.03195  ? 37  GLU A CD  1 
ATOM   255 O OE1 . GLU A 1 38 ? 2.75005   8.28231   6.19053   1.000 88.84720  ? 37  GLU A OE1 1 
ATOM   256 O OE2 . GLU A 1 38 ? 3.87126   8.64130   4.31174   1.000 85.27277  ? 37  GLU A OE2 1 
ATOM   257 N N   . ALA A 1 39 ? 1.04713   2.65555   6.11543   1.000 59.58629  ? 38  ALA A N   1 
ATOM   258 C CA  . ALA A 1 39 ? 0.71081   1.62446   7.09118   1.000 61.60115  ? 38  ALA A CA  1 
ATOM   259 C C   . ALA A 1 39 ? 1.44080   0.32628   6.78333   1.000 65.17288  ? 38  ALA A C   1 
ATOM   260 O O   . ALA A 1 39 ? 1.92531   -0.36128  7.70261   1.000 60.61500  ? 38  ALA A O   1 
ATOM   261 C CB  . ALA A 1 39 ? -0.79744  1.38732   7.12391   1.000 61.14034  ? 38  ALA A CB  1 
ATOM   262 N N   . LEU A 1 40 ? 1.52457   -0.01853  5.49807   1.000 57.87904  ? 39  LEU A N   1 
ATOM   263 C CA  . LEU A 1 40 ? 2.23864   -1.21980  5.08925   1.000 61.97986  ? 39  LEU A CA  1 
ATOM   264 C C   . LEU A 1 40 ? 3.73476   -1.09467  5.36361   1.000 62.96050  ? 39  LEU A C   1 
ATOM   265 O O   . LEU A 1 40 ? 4.36752   -2.05036  5.82095   1.000 63.34072  ? 39  LEU A O   1 
ATOM   266 C CB  . LEU A 1 40 ? 1.97459   -1.50469  3.60955   1.000 59.43071  ? 39  LEU A CB  1 
ATOM   267 C CG  . LEU A 1 40 ? 2.26972   -2.95465  3.18027   1.000 59.03078  ? 39  LEU A CG  1 
ATOM   268 C CD1 . LEU A 1 40 ? 1.21041   -3.46773  2.22885   1.000 57.89866  ? 39  LEU A CD1 1 
ATOM   269 C CD2 . LEU A 1 40 ? 3.64746   -3.07767  2.52823   1.000 58.87023  ? 39  LEU A CD2 1 
ATOM   270 N N   . ALA A 1 41 ? 4.30715   0.08283   5.10588   1.000 63.95265  ? 40  ALA A N   1 
ATOM   271 C CA  . ALA A 1 41 ? 5.70778   0.32618   5.43480   1.000 62.33169  ? 40  ALA A CA  1 
ATOM   272 C C   . ALA A 1 41 ? 5.96422   0.19177   6.93222   1.000 66.57539  ? 40  ALA A C   1 
ATOM   273 O O   . ALA A 1 41 ? 7.00102   -0.33775  7.34779   1.000 65.66238  ? 40  ALA A O   1 
ATOM   274 C CB  . ALA A 1 41 ? 6.12054   1.70839   4.93981   1.000 61.71955  ? 40  ALA A CB  1 
ATOM   275 N N   . LYS A 1 42 ? 5.03053   0.64775   7.76166   1.000 59.44102  ? 41  LYS A N   1 
ATOM   276 C CA  . LYS A 1 42 ? 5.22016   0.50497   9.19788   1.000 65.16556  ? 41  LYS A CA  1 
ATOM   277 C C   . LYS A 1 42 ? 5.20345   -0.96223  9.61239   1.000 69.72271  ? 41  LYS A C   1 
ATOM   278 O O   . LYS A 1 42 ? 6.01177   -1.38299  10.45312  1.000 65.74544  ? 41  LYS A O   1 
ATOM   279 C CB  . LYS A 1 42 ? 4.15472   1.30292   9.95812   1.000 70.80045  ? 41  LYS A CB  1 
ATOM   280 N N   . LYS A 1 43 ? 4.30669   -1.76273  9.02300   1.000 66.17036  ? 42  LYS A N   1 
ATOM   281 C CA  . LYS A 1 43 ? 4.31027   -3.19765  9.29869   1.000 64.12313  ? 42  LYS A CA  1 
ATOM   282 C C   . LYS A 1 43 ? 5.62361   -3.84143  8.86955   1.000 65.46523  ? 42  LYS A C   1 
ATOM   283 O O   . LYS A 1 43 ? 6.19102   -4.65717  9.60772   1.000 68.65527  ? 42  LYS A O   1 
ATOM   284 C CB  . LYS A 1 43 ? 3.12980   -3.87193  8.59835   1.000 65.61543  ? 42  LYS A CB  1 
ATOM   285 N N   . LEU A 1 44 ? 6.11676   -3.49345  7.67591   1.000 63.22931  ? 43  LEU A N   1 
ATOM   286 C CA  . LEU A 1 44 ? 7.39802   -4.02259  7.20788   1.000 65.10834  ? 43  LEU A CA  1 
ATOM   287 C C   . LEU A 1 44 ? 8.52162   -3.66565  8.16517   1.000 69.03095  ? 43  LEU A C   1 
ATOM   288 O O   . LEU A 1 44 ? 9.34901   -4.51546  8.51642   1.000 71.84348  ? 43  LEU A O   1 
ATOM   289 C CB  . LEU A 1 44 ? 7.72206   -3.48319  5.82092   1.000 59.56941  ? 43  LEU A CB  1 
ATOM   290 C CG  . LEU A 1 44 ? 6.99138   -4.07426  4.62618   1.000 61.90872  ? 43  LEU A CG  1 
ATOM   291 C CD1 . LEU A 1 44 ? 7.67901   -3.61837  3.35153   1.000 59.41527  ? 43  LEU A CD1 1 
ATOM   292 C CD2 . LEU A 1 44 ? 6.93458   -5.59241  4.71614   1.000 63.83764  ? 43  LEU A CD2 1 
ATOM   293 N N   . LYS A 1 45 ? 8.57583   -2.40073  8.58847   1.000 66.64949  ? 44  LYS A N   1 
ATOM   294 C CA  . LYS A 1 45 ? 9.58998   -1.98574  9.54624   1.000 69.64418  ? 44  LYS A CA  1 
ATOM   295 C C   . LYS A 1 45 ? 9.54297   -2.85513  10.79813  1.000 74.45463  ? 44  LYS A C   1 
ATOM   296 O O   . LYS A 1 45 ? 10.58309  -3.32388  11.27628  1.000 74.76247  ? 44  LYS A O   1 
ATOM   297 C CB  . LYS A 1 45 ? 9.40174   -0.51012  9.90570   1.000 70.93031  ? 44  LYS A CB  1 
ATOM   298 C CG  . LYS A 1 45 ? 9.86758   0.49693   8.85055   1.000 67.44541  ? 44  LYS A CG  1 
ATOM   299 C CD  . LYS A 1 45 ? 9.38852   1.92872   9.21332   1.000 70.33129  ? 44  LYS A CD  1 
ATOM   300 N N   . ALA A 1 46 ? 8.33922   -3.11062  11.32406  1.000 69.44878  ? 45  ALA A N   1 
ATOM   301 C CA  . ALA A 1 46 ? 8.21969   -3.93648  12.52535  1.000 73.57991  ? 45  ALA A CA  1 
ATOM   302 C C   . ALA A 1 46 ? 8.74933   -5.35069  12.29771  1.000 76.83136  ? 45  ALA A C   1 
ATOM   303 O O   . ALA A 1 46 ? 9.38644   -5.93416  13.18692  1.000 78.10632  ? 45  ALA A O   1 
ATOM   304 C CB  . ALA A 1 46 ? 6.76212   -3.98174  12.98709  1.000 72.87219  ? 45  ALA A CB  1 
ATOM   305 N N   . LEU A 1 47 ? 8.47722   -5.92991  11.12509  1.000 73.98153  ? 46  LEU A N   1 
ATOM   306 C CA  . LEU A 1 47 ? 9.00155   -7.25952  10.83049  1.000 74.08721  ? 46  LEU A CA  1 
ATOM   307 C C   . LEU A 1 47 ? 10.52064  -7.23503  10.74384  1.000 78.24196  ? 46  LEU A C   1 
ATOM   308 O O   . LEU A 1 47 ? 11.19420  -8.16176  11.21513  1.000 82.99279  ? 46  LEU A O   1 
ATOM   309 C CB  . LEU A 1 47 ? 8.39086   -7.78828  9.53338   1.000 68.07872  ? 46  LEU A CB  1 
ATOM   310 C CG  . LEU A 1 47 ? 6.92881   -8.16902  9.74237   1.000 68.42195  ? 46  LEU A CG  1 
ATOM   311 C CD1 . LEU A 1 47 ? 6.25747   -8.48063  8.43639   1.000 63.96565  ? 46  LEU A CD1 1 
ATOM   312 C CD2 . LEU A 1 47 ? 6.79866   -9.33906  10.72273  1.000 72.95342  ? 46  LEU A CD2 1 
ATOM   313 N N   . ALA A 1 48 ? 11.07962  -6.17999  10.14338  1.000 76.90432  ? 47  ALA A N   1 
ATOM   314 C CA  . ALA A 1 48 ? 12.52771  -6.00088  10.15192  1.000 77.87241  ? 47  ALA A CA  1 
ATOM   315 C C   . ALA A 1 48 ? 13.06384  -5.97199  11.57949  1.000 81.80297  ? 47  ALA A C   1 
ATOM   316 O O   . ALA A 1 48 ? 14.01656  -6.68344  11.90478  1.000 83.62521  ? 47  ALA A O   1 
ATOM   317 C CB  . ALA A 1 48 ? 12.90764  -4.72165  9.40118   1.000 73.94849  ? 47  ALA A CB  1 
ATOM   318 N N   . GLN A 1 49 ? 12.45490  -5.16262  12.45065  1.000 79.87039  ? 48  GLN A N   1 
ATOM   319 C CA  . GLN A 1 49 ? 12.89598  -5.13276  13.84314  1.000 88.25710  ? 48  GLN A CA  1 
ATOM   320 C C   . GLN A 1 49 ? 12.67704  -6.48127  14.51720  1.000 88.60277  ? 48  GLN A C   1 
ATOM   321 O O   . GLN A 1 49 ? 13.49319  -6.91121  15.33260  1.000 91.56279  ? 48  GLN A O   1 
ATOM   322 C CB  . GLN A 1 49 ? 12.16960  -4.02556  14.61297  1.000 85.90510  ? 48  GLN A CB  1 
ATOM   323 N N   . GLY A 1 50 ? 11.59498  -7.17494  14.16972  1.000 90.85443  ? 49  GLY A N   1 
ATOM   324 C CA  . GLY A 1 50 ? 11.29589  -8.45374  14.79480  1.000 93.74325  ? 49  GLY A CA  1 
ATOM   325 C C   . GLY A 1 50 ? 12.03824  -9.62592  14.16779  1.000 96.99323  ? 49  GLY A C   1 
ATOM   326 O O   . GLY A 1 50 ? 12.93038  -10.22789 14.77395  1.000 96.53241  ? 49  GLY A O   1 
HETATM 327 C C   . ACT B 2 .  ? -10.15428 17.23809  -6.11264  1.000 74.85562  ? 101 ACT A C   1 
HETATM 328 O O   . ACT B 2 .  ? -10.38030 16.01234  -5.99116  1.000 72.95761  ? 101 ACT A O   1 
HETATM 329 O OXT . ACT B 2 .  ? -10.17712 17.94195  -7.16602  1.000 71.17764  ? 101 ACT A OXT 1 
HETATM 330 C CH3 . ACT B 2 .  ? -9.81200  17.98094  -4.75784  1.000 68.84611  ? 101 ACT A CH3 1 
# 
loop_
_atom_site_anisotrop.id 
_atom_site_anisotrop.type_symbol 
_atom_site_anisotrop.pdbx_label_atom_id 
_atom_site_anisotrop.pdbx_label_alt_id 
_atom_site_anisotrop.pdbx_label_comp_id 
_atom_site_anisotrop.pdbx_label_asym_id 
_atom_site_anisotrop.pdbx_label_seq_id 
_atom_site_anisotrop.pdbx_PDB_ins_code 
_atom_site_anisotrop.U[1][1] 
_atom_site_anisotrop.U[2][2] 
_atom_site_anisotrop.U[3][3] 
_atom_site_anisotrop.U[1][2] 
_atom_site_anisotrop.U[1][3] 
_atom_site_anisotrop.U[2][3] 
_atom_site_anisotrop.pdbx_auth_seq_id 
_atom_site_anisotrop.pdbx_auth_comp_id 
_atom_site_anisotrop.pdbx_auth_asym_id 
_atom_site_anisotrop.pdbx_auth_atom_id 
1   N N   . GLY A 2  ? 1.11483 0.91505 0.87416 0.13210  0.07651  0.22969  1  GLY A N   
2   C CA  . GLY A 2  ? 1.12928 0.98853 0.88768 0.14460  0.08954  0.26970  1  GLY A CA  
3   C C   . GLY A 2  ? 1.11304 1.06043 0.91042 0.13590  0.09712  0.26051  1  GLY A C   
4   O O   . GLY A 2  ? 1.09227 1.04241 0.92470 0.09402  0.09244  0.25244  1  GLY A O   
5   N N   . GLU A 3  ? 0.99668 1.00838 0.78023 0.17875  0.10576  0.26102  2  GLU A N   
6   C CA  . GLU A 3  ? 0.94939 1.03794 0.76181 0.18176  0.11168  0.24550  2  GLU A CA  
7   C C   . GLU A 3  ? 0.92121 1.01496 0.76602 0.16813  0.09386  0.19135  2  GLU A C   
8   O O   . GLU A 3  ? 0.85172 0.98253 0.73019 0.14802  0.09486  0.18372  2  GLU A O   
9   C CB  . GLU A 3  ? 1.00006 1.13492 0.77063 0.24014  0.11699  0.24205  2  GLU A CB  
10  C CG  . GLU A 3  ? 0.94233 1.14804 0.72506 0.25006  0.13495  0.24773  2  GLU A CG  
11  N N   . LEU A 4  ? 0.91692 0.97449 0.75444 0.18043  0.07972  0.15627  3  LEU A N   
12  C CA  . LEU A 4  ? 0.95115 1.00815 0.81876 0.16374  0.07074  0.11157  3  LEU A CA  
13  C C   . LEU A 4  ? 0.95636 0.96330 0.83160 0.11100  0.07208  0.11983  3  LEU A C   
14  O O   . LEU A 4  ? 0.86161 0.87709 0.75668 0.08821  0.06807  0.09789  3  LEU A O   
15  C CB  . LEU A 4  ? 0.88399 0.92398 0.75291 0.19227  0.06206  0.07730  3  LEU A CB  
16  C CG  . LEU A 4  ? 0.88394 0.97790 0.75542 0.24093  0.04694  0.05681  3  LEU A CG  
17  C CD1 . LEU A 4  ? 0.84903 0.93261 0.73900 0.26940  0.03486  0.02918  3  LEU A CD1 
18  C CD2 . LEU A 4  ? 0.79655 0.94289 0.69540 0.23636  0.03986  0.02943  3  LEU A CD2 
19  N N   . GLU A 5  ? 1.04044 0.98535 0.89344 0.09142  0.07325  0.15102  4  GLU A N   
20  C CA  . GLU A 5  ? 1.05560 0.94337 0.90755 0.03986  0.06512  0.16047  4  GLU A CA  
21  C C   . GLU A 5  ? 1.01704 0.95650 0.90787 0.01005  0.06181  0.18304  4  GLU A C   
22  O O   . GLU A 5  ? 1.01443 0.93682 0.91493 -0.02371 0.04819  0.17103  4  GLU A O   
23  C CB  . GLU A 5  ? 1.10742 0.91406 0.92874 0.02490  0.06121  0.19187  4  GLU A CB  
24  N N   . ALA A 6  ? 0.93316 0.93645 0.84415 0.02637  0.07528  0.21648  5  ALA A N   
25  C CA  . ALA A 6  ? 0.86047 0.92880 0.82014 0.00831  0.07807  0.23837  5  ALA A CA  
26  C C   . ALA A 6  ? 0.82020 0.93314 0.79449 0.02285  0.07261  0.19791  5  ALA A C   
27  O O   . ALA A 6  ? 0.74042 0.87360 0.75021 -0.00316 0.06198  0.20082  5  ALA A O   
28  C CB  . ALA A 6  ? 0.89171 1.01937 0.86183 0.03211  0.10435  0.28270  5  ALA A CB  
29  N N   . LEU A 7  ? 0.80778 0.93271 0.75854 0.06298  0.07510  0.16062  6  LEU A N   
30  C CA  . LEU A 7  ? 0.74468 0.90537 0.71083 0.07445  0.06793  0.12444  6  LEU A CA  
31  C C   . LEU A 7  ? 0.73533 0.84627 0.70139 0.03990  0.05365  0.09809  6  LEU A C   
32  O O   . LEU A 7  ? 0.70534 0.83138 0.68978 0.02755  0.04430  0.08652  6  LEU A O   
33  C CB  . LEU A 7  ? 0.71153 0.89797 0.65920 0.12300  0.06786  0.09304  6  LEU A CB  
34  C CG  . LEU A 7  ? 0.76836 1.00596 0.69906 0.16526  0.08029  0.11284  6  LEU A CG  
35  C CD1 . LEU A 7  ? 0.79271 1.02355 0.68551 0.20751  0.07418  0.09736  6  LEU A CD1 
36  C CD2 . LEU A 7  ? 0.74123 1.03030 0.68509 0.18463  0.08034  0.09936  6  LEU A CD2 
37  N N   . ALA A 8  ? 0.76944 0.81529 0.70750 0.02803  0.05350  0.08880  7  ALA A N   
38  C CA  . ALA A 8  ? 0.82395 0.81168 0.74448 -0.00282 0.04617  0.06742  7  ALA A CA  
39  C C   . ALA A 8  ? 0.80787 0.77498 0.73341 -0.04465 0.02793  0.09053  7  ALA A C   
40  O O   . ALA A 8  ? 0.77083 0.71680 0.68825 -0.06484 0.01626  0.07544  7  ALA A O   
41  C CB  . ALA A 8  ? 0.84465 0.76127 0.72685 -0.00209 0.05395  0.05696  7  ALA A CB  
42  N N   . LYS A 9  ? 0.78510 0.76017 0.72834 -0.05856 0.02321  0.13001  8  LYS A N   
43  C CA  . LYS A 9  ? 0.82137 0.79119 0.79013 -0.09939 -0.00049 0.15535  8  LYS A CA  
44  C C   . LYS A 9  ? 0.71149 0.75616 0.72697 -0.09048 -0.00435 0.15509  8  LYS A C   
45  O O   . LYS A 9  ? 0.67070 0.69871 0.69382 -0.11745 -0.02980 0.15380  8  LYS A O   
46  C CB  . LYS A 9  ? 0.83229 0.80671 0.82898 -0.11805 -0.00181 0.20269  8  LYS A CB  
47  C CG  . LYS A 9  ? 0.99779 0.86759 0.94699 -0.14663 -0.01695 0.20613  8  LYS A CG  
48  N N   . LYS A 10 ? 0.61312 0.73402 0.65365 -0.04953 0.01767  0.15637  9  LYS A N   
49  C CA  . LYS A 10 ? 0.61026 0.79356 0.68928 -0.03467 0.01446  0.15303  9  LYS A CA  
50  C C   . LYS A 10 ? 0.57170 0.72063 0.62433 -0.03535 0.00085  0.11169  9  LYS A C   
51  O O   . LYS A 10 ? 0.52846 0.68706 0.60203 -0.04479 -0.01709 0.11144  9  LYS A O   
52  C CB  . LYS A 10 ? 0.57114 0.82905 0.66381 0.01495  0.04097  0.15810  9  LYS A CB  
53  N N   . LEU A 11 ? 0.60415 0.71307 0.61590 -0.02613 0.00958  0.08008  10 LEU A N   
54  C CA  . LEU A 11 ? 0.64606 0.72148 0.63695 -0.03083 0.00373  0.04551  10 LEU A CA  
55  C C   . LEU A 11 ? 0.67420 0.67679 0.63208 -0.07276 -0.01405 0.04802  10 LEU A C   
56  O O   . LEU A 11 ? 0.68891 0.67176 0.63682 -0.08250 -0.02620 0.03601  10 LEU A O   
57  C CB  . LEU A 11 ? 0.63087 0.69335 0.60379 -0.01186 0.02093  0.01645  10 LEU A CB  
58  C CG  . LEU A 11 ? 0.71677 0.77836 0.69454 -0.00589 0.02096  -0.01723 10 LEU A CG  
59  C CD1 . LEU A 11 ? 0.61413 0.72253 0.61854 0.01367  0.00757  -0.02131 10 LEU A CD1 
60  C CD2 . LEU A 11 ? 0.66223 0.73457 0.64926 0.01610  0.03500  -0.04282 10 LEU A CD2 
61  N N   . LYS A 12 ? 0.74430 0.69528 0.67467 -0.09666 -0.01856 0.06274  11 LYS A N   
62  C CA  . LYS A 12 ? 0.78620 0.65988 0.67291 -0.13489 -0.04379 0.06563  11 LYS A CA  
63  C C   . LYS A 12 ? 0.76013 0.66527 0.68888 -0.15199 -0.07723 0.09015  11 LYS A C   
64  O O   . LYS A 12 ? 0.77237 0.63224 0.67144 -0.17175 -0.10301 0.08524  11 LYS A O   
65  C CB  . LYS A 12 ? 0.86578 0.66904 0.71009 -0.15435 -0.04725 0.07388  11 LYS A CB  
66  C CG  . LYS A 12 ? 1.03176 0.73374 0.80696 -0.19148 -0.07799 0.07077  11 LYS A CG  
67  C CD  . LYS A 12 ? 1.10253 0.70674 0.79723 -0.19402 -0.06483 0.05372  11 LYS A CD  
68  N N   . ALA A 13 ? 0.62677 0.61097 0.62562 -0.14210 -0.07584 0.11886  12 ALA A N   
69  C CA  . ALA A 13 ? 0.61971 0.65440 0.67990 -0.15085 -0.10237 0.14340  12 ALA A CA  
70  C C   . ALA A 13 ? 0.65957 0.72132 0.72717 -0.12561 -0.10366 0.12333  12 ALA A C   
71  O O   . ALA A 13 ? 0.60073 0.65173 0.67877 -0.13925 -0.13666 0.12930  12 ALA A O   
72  C CB  . ALA A 13 ? 0.58203 0.70638 0.72119 -0.13953 -0.08698 0.18068  12 ALA A CB  
73  N N   . LEU A 14 ? 0.61910 0.70760 0.67861 -0.08918 -0.07381 0.09873  13 LEU A N   
74  C CA  . LEU A 14 ? 0.63886 0.74306 0.70431 -0.06589 -0.07815 0.07860  13 LEU A CA  
75  C C   . LEU A 14 ? 0.67115 0.69038 0.67761 -0.08989 -0.09449 0.05842  13 LEU A C   
76  O O   . LEU A 14 ? 0.66238 0.67311 0.67170 -0.08641 -0.11457 0.05497  13 LEU A O   
77  C CB  . LEU A 14 ? 0.52650 0.67177 0.59539 -0.02379 -0.05027 0.05549  13 LEU A CB  
78  C CG  . LEU A 14 ? 0.55989 0.78848 0.67392 0.01017  -0.03221 0.07622  13 LEU A CG  
79  C CD1 . LEU A 14 ? 0.55044 0.79884 0.64377 0.05045  -0.01136 0.04981  13 LEU A CD1 
80  C CD2 . LEU A 14 ? 0.52518 0.80563 0.68943 0.02797  -0.04285 0.09128  13 LEU A CD2 
81  N N   . ALA A 15 ? 0.70045 0.65328 0.64913 -0.11055 -0.08281 0.04619  14 ALA A N   
82  C CA  . ALA A 15 ? 0.77784 0.64587 0.65990 -0.13266 -0.08942 0.03160  14 ALA A CA  
83  C C   . ALA A 15 ? 0.82807 0.64886 0.68509 -0.16048 -0.13203 0.05106  14 ALA A C   
84  O O   . ALA A 15 ? 0.83283 0.59673 0.64339 -0.17070 -0.14782 0.04583  14 ALA A O   
85  C CB  . ALA A 15 ? 0.84498 0.65553 0.67065 -0.14339 -0.06160 0.01681  14 ALA A CB  
86  N N   . TRP A 16 ? 0.73851 0.57956 0.62670 -0.17425 -0.15374 0.07550  15 TRP A N   
87  C CA  . TRP A 16 ? 0.83553 0.64313 0.71829 -0.20216 -0.20513 0.09625  15 TRP A CA  
88  C C   . TRP A 16 ? 0.79874 0.67228 0.75252 -0.18450 -0.22918 0.10994  15 TRP A C   
89  O O   . TRP A 16 ? 0.81726 0.64891 0.74959 -0.19793 -0.27242 0.11694  15 TRP A O   
90  C CB  . TRP A 16 ? 0.81005 0.62765 0.72376 -0.22512 -0.22083 0.11975  15 TRP A CB  
91  C CG  . TRP A 16 ? 0.84685 0.64590 0.77989 -0.25656 -0.28126 0.14378  15 TRP A CG  
92  C CD1 . TRP A 16 ? 0.81890 0.70773 0.86293 -0.25820 -0.30686 0.17577  15 TRP A CD1 
93  C CD2 . TRP A 16 ? 0.99795 0.68154 0.83862 -0.29048 -0.32679 0.13850  15 TRP A CD2 
94  N NE1 . TRP A 16 ? 0.91493 0.75674 0.95463 -0.29478 -0.37184 0.19134  15 TRP A NE1 
95  C CE2 . TRP A 16 ? 1.01518 0.72398 0.92100 -0.31439 -0.38845 0.16712  15 TRP A CE2 
96  C CE3 . TRP A 16 ? 1.11872 0.67916 0.82514 -0.30043 -0.32063 0.11252  15 TRP A CE3 
97  C CZ2 . TRP A 16 ? 1.12685 0.73998 0.96051 -0.33994 -0.44443 0.16836  15 TRP A CZ2 
98  C CZ3 . TRP A 16 ? 1.22296 0.68724 0.84766 -0.32333 -0.37101 0.11410  15 TRP A CZ3 
99  C CH2 . TRP A 16 ? 1.27906 0.77178 0.96556 -0.33742 -0.43088 0.14177  15 TRP A CH2 
100 N N   . LYS A 17 ? 0.63716 0.61040 0.67102 -0.15047 -0.20326 0.11451  16 LYS A N   
101 C CA  . LYS A 17 ? 0.70371 0.73596 0.79777 -0.12198 -0.21715 0.12109  16 LYS A CA  
102 C C   . LYS A 17 ? 0.76085 0.72832 0.79447 -0.11401 -0.22429 0.09680  16 LYS A C   
103 O O   . LYS A 17 ? 0.73641 0.69040 0.77794 -0.11107 -0.26081 0.10520  16 LYS A O   
104 C CB  . LYS A 17 ? 0.66437 0.79880 0.82746 -0.07921 -0.17854 0.12318  16 LYS A CB  
105 C CG  . LYS A 17 ? 0.64365 0.87221 0.90555 -0.05591 -0.18935 0.15147  16 LYS A CG  
106 C CD  . LYS A 17 ? 0.60227 0.92313 0.91051 -0.00807 -0.14155 0.15324  16 LYS A CD  
107 C CE  . LYS A 17 ? 0.62137 0.99566 0.97487 -0.02364 -0.11933 0.18697  16 LYS A CE  
108 N NZ  . LYS A 17 ? 0.60821 1.07138 0.99904 0.02278  -0.06990 0.19808  16 LYS A NZ  
109 N N   . LEU A 18 ? 0.76412 0.68901 0.74086 -0.11236 -0.19133 0.06946  17 LEU A N   
110 C CA  . LEU A 18 ? 0.84523 0.71160 0.77432 -0.10844 -0.19237 0.05012  17 LEU A CA  
111 C C   . LEU A 18 ? 0.90171 0.66448 0.74655 -0.14303 -0.21955 0.05672  17 LEU A C   
112 O O   . LEU A 18 ? 0.95963 0.67509 0.77446 -0.14099 -0.23929 0.05620  17 LEU A O   
113 C CB  . LEU A 18 ? 0.77528 0.63715 0.68675 -0.09987 -0.14971 0.02200  17 LEU A CB  
114 C CG  . LEU A 18 ? 0.83850 0.65106 0.72042 -0.09800 -0.14435 0.00245  17 LEU A CG  
115 C CD1 . LEU A 18 ? 0.80138 0.63845 0.72168 -0.06710 -0.16840 0.00072  17 LEU A CD1 
116 C CD2 . LEU A 18 ? 0.81627 0.64536 0.70794 -0.09189 -0.10661 -0.02285 17 LEU A CD2 
117 N N   . LYS A 19 ? 0.95183 0.66772 0.74667 -0.17253 -0.22178 0.06245  18 LYS A N   
118 C CA  . LYS A 19 ? 1.04344 0.65199 0.74166 -0.20161 -0.25300 0.06883  18 LYS A CA  
119 C C   . LYS A 19 ? 1.02981 0.64309 0.75545 -0.20270 -0.31543 0.09141  18 LYS A C   
120 O O   . LYS A 19 ? 1.11990 0.65796 0.78031 -0.20842 -0.34424 0.09516  18 LYS A O   
121 C CB  . LYS A 19 ? 1.09758 0.64997 0.73321 -0.22800 -0.24937 0.06781  18 LYS A CB  
122 C CG  . LYS A 19 ? 1.16336 0.58204 0.66282 -0.25237 -0.26828 0.06601  18 LYS A CG  
123 C CD  . LYS A 19 ? 1.36191 0.71111 0.79228 -0.27680 -0.28679 0.06606  18 LYS A CD  
124 N N   . ALA A 20 ? 0.90704 0.61085 0.73354 -0.19605 -0.33616 0.10957  19 ALA A N   
125 C CA  . ALA A 20 ? 0.97051 0.70067 0.85099 -0.19267 -0.39476 0.13289  19 ALA A CA  
126 C C   . ALA A 20 ? 0.98164 0.74046 0.89592 -0.15499 -0.39362 0.12856  19 ALA A C   
127 O O   . ALA A 20 ? 0.98622 0.70423 0.88229 -0.15231 -0.44113 0.13904  19 ALA A O   
128 C CB  . ALA A 20 ? 0.89540 0.73205 0.89614 -0.19359 -0.40658 0.15717  19 ALA A CB  
129 N N   . LEU A 21 ? 0.90095 0.72169 0.85847 -0.12372 -0.34410 0.11207  20 LEU A N   
130 C CA  . LEU A 21 ? 0.94370 0.78697 0.93270 -0.08390 -0.34382 0.10379  20 LEU A CA  
131 C C   . LEU A 21 ? 1.02311 0.75296 0.91664 -0.09347 -0.35827 0.09439  20 LEU A C   
132 O O   . LEU A 21 ? 1.08248 0.79948 0.98780 -0.06883 -0.38510 0.09750  20 LEU A O   
133 C CB  . LEU A 21 ? 0.84702 0.75432 0.87387 -0.05267 -0.29140 0.08201  20 LEU A CB  
134 C CG  . LEU A 21 ? 0.89311 0.87717 0.99666 0.00033  -0.28978 0.07991  20 LEU A CG  
135 C CD1 . LEU A 21 ? 0.82507 0.86765 1.00639 0.01063  -0.32798 0.11140  20 LEU A CD1 
136 C CD2 . LEU A 21 ? 0.75265 0.81576 0.89485 0.02760  -0.24120 0.06660  20 LEU A CD2 
137 N N   . SER A 22 ? 1.05611 0.70136 0.85431 -0.12658 -0.33707 0.08470  21 SER A N   
138 C CA  . SER A 22 ? 1.12349 0.65951 0.82657 -0.13921 -0.33920 0.08076  21 SER A CA  
139 C C   . SER A 22 ? 1.26512 0.72754 0.91312 -0.14883 -0.40083 0.10369  21 SER A C   
140 O O   . SER A 22 ? 1.29892 0.67389 0.87681 -0.15018 -0.41186 0.10721  21 SER A O   
141 C CB  . SER A 22 ? 1.12809 0.60312 0.74960 -0.16966 -0.29335 0.06867  21 SER A CB  
142 O OG  . SER A 22 ? 1.24050 0.69371 0.82196 -0.19349 -0.30534 0.07698  21 SER A OG  
143 N N   . LYS A 23 ? 1.20813 0.70178 0.88898 -0.15607 -0.44545 0.12136  22 LYS A N   
144 C CA  . LYS A 23 ? 1.27191 0.70871 0.91858 -0.15944 -0.51636 0.14314  22 LYS A CA  
145 C C   . LYS A 23 ? 1.17894 0.70849 0.94925 -0.12130 -0.55467 0.15699  22 LYS A C   
146 O O   . LYS A 23 ? 1.21458 0.70946 0.97772 -0.11640 -0.60912 0.17247  22 LYS A O   
147 C CB  . LYS A 23 ? 1.29543 0.69005 0.89168 -0.19557 -0.55569 0.15418  22 LYS A CB  
148 C CG  . LYS A 23 ? 1.35736 0.69283 0.86069 -0.22417 -0.50572 0.13696  22 LYS A CG  
149 N N   . GLU A 24 ? 1.19074 0.83820 1.07480 -0.09032 -0.51725 0.14874  23 GLU A N   
150 C CA  . GLU A 24 ? 1.14667 0.89493 1.15511 -0.04681 -0.54135 0.16176  23 GLU A CA  
151 C C   . GLU A 24 ? 1.10751 0.91419 1.16363 -0.00262 -0.48811 0.13925  23 GLU A C   
152 O O   . GLU A 24 ? 1.06002 0.98155 1.21525 0.02400  -0.46042 0.14041  23 GLU A O   
153 C CB  . GLU A 24 ? 1.09766 0.95361 1.21579 -0.05629 -0.55719 0.18419  23 GLU A CB  
154 C CG  . GLU A 24 ? 1.14357 1.03237 1.33108 -0.04911 -0.59968 0.20382  23 GLU A CG  
155 C CD  . GLU A 24 ? 1.22692 1.21385 1.51985 -0.06894 -0.59850 0.22397  23 GLU A CD  
156 O OE1 . GLU A 24 ? 1.24360 1.20553 1.49947 -0.11009 -0.59053 0.22424  23 GLU A OE1 
157 O OE2 . GLU A 24 ? 1.23937 1.32852 1.65302 -0.04192 -0.60158 0.24001  23 GLU A OE2 
158 N N   . PRO A 25 ? 1.07402 0.79798 1.05609 0.00491  -0.47298 0.11906  24 PRO A N   
159 C CA  . PRO A 25 ? 1.04736 0.81043 1.05696 0.03767  -0.42401 0.09098  24 PRO A CA  
160 C C   . PRO A 25 ? 1.01026 0.82202 1.09049 0.09890  -0.43819 0.08821  24 PRO A C   
161 O O   . PRO A 25 ? 0.97543 0.75641 1.06143 0.11596  -0.48609 0.10401  24 PRO A O   
162 C CB  . PRO A 25 ? 1.08350 0.72997 0.98973 0.01234  -0.40796 0.07319  24 PRO A CB  
163 C CG  . PRO A 25 ? 1.12427 0.66607 0.93987 -0.02590 -0.44538 0.09518  24 PRO A CG  
164 C CD  . PRO A 25 ? 1.10451 0.69177 0.97291 -0.01661 -0.49962 0.12195  24 PRO A CD  
165 N N   . SER A 26 ? 0.94682 0.83123 1.07475 0.13614  -0.39634 0.06698  25 SER A N   
166 C CA  . SER A 26 ? 0.95827 0.85545 1.11626 0.19911  -0.39707 0.04946  25 SER A CA  
167 C C   . SER A 26 ? 0.90901 0.84938 1.07130 0.22423  -0.34686 0.01772  25 SER A C   
168 O O   . SER A 26 ? 0.89754 0.88934 1.06805 0.20161  -0.31306 0.01810  25 SER A O   
169 C CB  . SER A 26 ? 0.94442 0.93107 1.20162 0.24677  -0.41968 0.07315  25 SER A CB  
170 O OG  . SER A 26 ? 0.92608 1.04097 1.26512 0.26991  -0.37823 0.07908  25 SER A OG  
171 N N   . ALA A 27 ? 0.92481 0.83357 1.07404 0.27298  -0.34751 -0.01065 26 ALA A N   
172 C CA  . ALA A 27 ? 0.91881 0.84037 1.04998 0.29770  -0.31229 -0.04737 26 ALA A CA  
173 C C   . ALA A 27 ? 0.87736 0.92223 1.06352 0.32253  -0.27107 -0.03997 26 ALA A C   
174 O O   . ALA A 27 ? 0.88211 0.94496 1.04720 0.30467  -0.24126 -0.05284 26 ALA A O   
175 C CB  . ALA A 27 ? 0.97931 0.84746 1.09115 0.35602  -0.32821 -0.07794 26 ALA A CB  
176 N N   . GLN A 28 ? 0.87444 1.00594 1.13467 0.36372  -0.26805 -0.01618 27 GLN A N   
177 C CA  . GLN A 28 ? 0.79267 1.04178 1.10477 0.39060  -0.22070 -0.00481 27 GLN A CA  
178 C C   . GLN A 28 ? 0.76240 1.03158 1.06879 0.32703  -0.20405 0.01242  27 GLN A C   
179 O O   . GLN A 28 ? 0.78104 1.06670 1.05730 0.33141  -0.16995 -0.00418 27 GLN A O   
180 C CB  . GLN A 28 ? 0.75569 1.10695 1.17100 0.42884  -0.21884 0.03090  27 GLN A CB  
181 N N   . GLU A 29 ? 0.74770 1.00703 1.07477 0.27334  -0.23145 0.04285  28 GLU A N   
182 C CA  . GLU A 29 ? 0.70329 0.97883 1.02633 0.21703  -0.21719 0.06052  28 GLU A CA  
183 C C   . GLU A 29 ? 0.76562 0.96793 1.00397 0.19028  -0.20243 0.02838  28 GLU A C   
184 O O   . GLU A 29 ? 0.67895 0.91349 0.91285 0.17562  -0.17221 0.03006  28 GLU A O   
185 C CB  . GLU A 29 ? 0.69476 0.94519 1.03420 0.16682  -0.26040 0.09137  28 GLU A CB  
186 C CG  . GLU A 29 ? 0.77046 1.06459 1.18713 0.19583  -0.29475 0.11528  28 GLU A CG  
187 C CD  . GLU A 29 ? 0.89650 1.10671 1.28092 0.16056  -0.35615 0.12708  28 GLU A CD  
188 O OE1 . GLU A 29 ? 0.96056 1.06234 1.25503 0.15151  -0.37069 0.10472  28 GLU A OE1 
189 O OE2 . GLU A 29 ? 0.90695 1.15824 1.35548 0.14104  -0.39087 0.16035  28 GLU A OE2 
190 N N   . LEU A 30 ? 0.79023 0.89875 0.97057 0.18379  -0.22373 0.00322  29 LEU A N   
191 C CA  . LEU A 30 ? 0.84953 0.89529 0.96727 0.15330  -0.21044 -0.02379 29 LEU A CA  
192 C C   . LEU A 30 ? 0.81660 0.90249 0.93333 0.19421  -0.18178 -0.05254 29 LEU A C   
193 O O   . LEU A 30 ? 0.78468 0.89461 0.89305 0.17754  -0.15724 -0.05533 29 LEU A O   
194 C CB  . LEU A 30 ? 0.88902 0.82889 0.95625 0.13659  -0.23812 -0.03826 29 LEU A CB  
195 C CG  . LEU A 30 ? 0.95695 0.83112 0.98835 0.08495  -0.26066 -0.01349 29 LEU A CG  
196 C CD1 . LEU A 30 ? 0.99988 0.76822 0.97941 0.07555  -0.28546 -0.02154 29 LEU A CD1 
197 C CD2 . LEU A 30 ? 0.90141 0.76518 0.90200 0.03711  -0.23555 -0.01071 29 LEU A CD2 
198 N N   . GLU A 31 ? 0.81557 0.90236 0.93368 0.24942  -0.18753 -0.07370 30 GLU A N   
199 C CA  . GLU A 31 ? 0.82598 0.94290 0.92700 0.29268  -0.16462 -0.10256 30 GLU A CA  
200 C C   . GLU A 31 ? 0.78140 0.99622 0.91350 0.30738  -0.12701 -0.07817 30 GLU A C   
201 O O   . GLU A 31 ? 0.75640 0.98868 0.86014 0.32331  -0.10636 -0.09524 30 GLU A O   
202 C CB  . GLU A 31 ? 0.75628 0.85061 0.84291 0.35740  -0.17735 -0.13055 30 GLU A CB  
203 C CG  . GLU A 31 ? 0.85781 1.02354 0.99436 0.41125  -0.16573 -0.10762 30 GLU A CG  
204 N N   . ALA A 32 ? 0.72214 0.99632 0.91253 0.29748  -0.12145 -0.03630 31 ALA A N   
205 C CA  . ALA A 32 ? 0.68466 1.04512 0.91213 0.29638  -0.08626 -0.00462 31 ALA A CA  
206 C C   . ALA A 32 ? 0.69763 1.03391 0.89575 0.24419  -0.07943 -0.00267 31 ALA A C   
207 O O   . ALA A 32 ? 0.61451 0.98269 0.79593 0.25740  -0.05078 -0.00389 31 ALA A O   
208 C CB  . ALA A 32 ? 0.65106 1.07454 0.96143 0.28532  -0.09147 0.04136  31 ALA A CB  
209 N N   . LEU A 33 ? 0.67026 0.94758 0.85713 0.18812  -0.10448 0.00247  32 LEU A N   
210 C CA  . LEU A 33 ? 0.70148 0.95110 0.85892 0.14360  -0.09545 0.00278  32 LEU A CA  
211 C C   . LEU A 33 ? 0.65780 0.87582 0.76971 0.15528  -0.08669 -0.03597 32 LEU A C   
212 O O   . LEU A 33 ? 0.62146 0.85369 0.72084 0.14889  -0.06758 -0.03712 32 LEU A O   
213 C CB  . LEU A 33 ? 0.68966 0.87263 0.82939 0.08892  -0.12164 0.01308  32 LEU A CB  
214 C CG  . LEU A 33 ? 0.65616 0.81352 0.77142 0.04363  -0.11211 0.02290  32 LEU A CG  
215 C CD1 . LEU A 33 ? 0.73298 0.82996 0.82778 0.00049  -0.14237 0.03916  32 LEU A CD1 
216 C CD2 . LEU A 33 ? 0.64318 0.75792 0.71448 0.03633  -0.09701 -0.00811 32 LEU A CD2 
217 N N   . ALA A 34 ? 0.74438 0.91778 0.83542 0.17277  -0.10482 -0.06731 33 ALA A N   
218 C CA  . ALA A 34 ? 0.71801 0.86410 0.77849 0.18280  -0.10556 -0.10537 33 ALA A CA  
219 C C   . ALA A 34 ? 0.74899 0.95148 0.80052 0.22740  -0.08510 -0.11221 33 ALA A C   
220 O O   . ALA A 34 ? 0.72055 0.92338 0.75622 0.22121  -0.07901 -0.12529 33 ALA A O   
221 C CB  . ALA A 34 ? 0.72148 0.80991 0.76615 0.19866  -0.13306 -0.13564 33 ALA A CB  
222 N N   . GLN A 35 ? 0.70689 0.95851 0.76699 0.27574  -0.07242 -0.10127 34 GLN A N   
223 C CA  . GLN A 35 ? 0.69201 0.98920 0.72617 0.32203  -0.04836 -0.10524 34 GLN A CA  
224 C C   . GLN A 35 ? 0.69238 1.03512 0.74181 0.29878  -0.02046 -0.06826 34 GLN A C   
225 O O   . GLN A 35 ? 0.66023 1.01592 0.67533 0.31863  -0.00725 -0.07403 34 GLN A O   
226 C CB  . GLN A 35 ? 0.75808 1.09239 0.79035 0.38591  -0.03417 -0.10393 34 GLN A CB  
227 C CG  . GLN A 35 ? 0.81786 1.08920 0.82016 0.41695  -0.06622 -0.14798 34 GLN A CG  
228 C CD  . GLN A 35 ? 0.88249 1.09733 0.82338 0.43044  -0.09048 -0.19770 34 GLN A CD  
229 O OE1 . GLN A 35 ? 0.95495 1.18389 0.84538 0.46468  -0.07860 -0.20691 34 GLN A OE1 
230 N NE2 . GLN A 35 ? 0.92154 1.06625 0.86502 0.39160  -0.12696 -0.22328 34 GLN A NE2 
231 N N   . GLU A 36 ? 0.59810 0.95396 0.69259 0.25520  -0.01751 -0.03177 35 GLU A N   
232 C CA  . GLU A 36 ? 0.57124 0.94831 0.67627 0.22438  0.00119  0.00006  35 GLU A CA  
233 C C   . GLU A 36 ? 0.64537 0.97570 0.71521 0.20035  -0.00593 -0.02276 35 GLU A C   
234 O O   . GLU A 36 ? 0.67035 1.01652 0.72442 0.20545  0.01115  -0.01207 35 GLU A O   
235 C CB  . GLU A 36 ? 0.61124 0.99035 0.76403 0.17690  -0.00781 0.03547  35 GLU A CB  
236 C CG  . GLU A 36 ? 0.59399 1.04104 0.80859 0.19482  0.00125  0.07027  35 GLU A CG  
237 C CD  . GLU A 36 ? 0.60583 1.09742 0.86570 0.16578  0.01822  0.11872  35 GLU A CD  
238 O OE1 . GLU A 36 ? 0.68676 1.19714 0.92556 0.17594  0.04709  0.13003  35 GLU A OE1 
239 O OE2 . GLU A 36 ? 0.65178 1.15016 0.96464 0.12958  -0.00281 0.14535  35 GLU A OE2 
240 N N   . LEU A 37 ? 0.60412 0.87767 0.66553 0.17406  -0.02903 -0.05060 36 LEU A N   
241 C CA  . LEU A 37 ? 0.64609 0.88718 0.69018 0.15444  -0.03144 -0.07153 36 LEU A CA  
242 C C   . LEU A 37 ? 0.67773 0.93509 0.69808 0.19741  -0.03436 -0.09924 36 LEU A C   
243 O O   . LEU A 37 ? 0.62924 0.89192 0.64024 0.19828  -0.02850 -0.10105 36 LEU A O   
244 C CB  . LEU A 37 ? 0.62294 0.80600 0.66868 0.11927  -0.04881 -0.09199 36 LEU A CB  
245 C CG  . LEU A 37 ? 0.66639 0.81430 0.71413 0.07547  -0.05109 -0.06779 36 LEU A CG  
246 C CD1 . LEU A 37 ? 0.68613 0.77326 0.72333 0.05001  -0.06545 -0.08532 36 LEU A CD1 
247 C CD2 . LEU A 37 ? 0.60150 0.73925 0.64040 0.04572  -0.03525 -0.04840 36 LEU A CD2 
248 N N   . GLU A 38 ? 0.73081 0.99013 0.73553 0.23690  -0.04736 -0.12218 37 GLU A N   
249 C CA  . GLU A 38 ? 0.74948 1.01011 0.71786 0.27957  -0.06025 -0.15428 37 GLU A CA  
250 C C   . GLU A 38 ? 0.73699 1.04013 0.67449 0.31338  -0.03559 -0.13138 37 GLU A C   
251 O O   . GLU A 38 ? 0.76148 1.06175 0.66953 0.33221  -0.04592 -0.14772 37 GLU A O   
252 C CB  . GLU A 38 ? 0.79949 1.03942 0.74491 0.31767  -0.08046 -0.18446 37 GLU A CB  
253 C CG  . GLU A 38 ? 0.86210 1.04865 0.83472 0.28062  -0.10680 -0.20425 37 GLU A CG  
254 C CD  . GLU A 38 ? 1.03477 1.17541 0.98265 0.30677  -0.14362 -0.25093 37 GLU A CD  
255 O OE1 . GLU A 38 ? 1.11012 1.25652 1.00915 0.36470  -0.14813 -0.26894 37 GLU A OE1 
256 O OE2 . GLU A 38 ? 1.05751 1.15114 1.03134 0.26848  -0.16745 -0.26895 37 GLU A OE2 
257 N N   . ALA A 39 ? 0.65760 1.00038 0.60602 0.31891  -0.00427 -0.09009 38 ALA A N   
258 C CA  . ALA A 39 ? 0.67984 1.06070 0.60003 0.34662  0.02564  -0.05964 38 ALA A CA  
259 C C   . ALA A 39 ? 0.72633 1.09651 0.65344 0.31235  0.02885  -0.04237 38 ALA A C   
260 O O   . ALA A 39 ? 0.68135 1.05520 0.56655 0.33879  0.03430  -0.03847 38 ALA A O   
261 C CB  . ALA A 39 ? 0.64645 1.07960 0.59699 0.35376  0.06092  -0.01421 38 ALA A CB  
262 N N   . LEU A 40 ? 0.62630 0.97580 0.59704 0.25776  0.02435  -0.03247 39 LEU A N   
263 C CA  . LEU A 40 ? 0.68419 1.01275 0.65799 0.22786  0.02764  -0.02036 39 LEU A CA  
264 C C   . LEU A 40 ? 0.70882 1.01509 0.66830 0.23864  0.00601  -0.05888 39 LEU A C   
265 O O   . LEU A 40 ? 0.71996 1.02403 0.66267 0.24861  0.00896  -0.05207 39 LEU A O   
266 C CB  . LEU A 40 ? 0.64992 0.94989 0.65829 0.17208  0.02619  -0.00653 39 LEU A CB  
267 C CG  . LEU A 40 ? 0.65433 0.92915 0.65942 0.14385  0.03644  0.01690  39 LEU A CG  
268 C CD1 . LEU A 40 ? 0.63636 0.89930 0.66422 0.10215  0.03923  0.05076  39 LEU A CD1 
269 C CD2 . LEU A 40 ? 0.66735 0.90043 0.66902 0.12783  0.02740  -0.01293 39 LEU A CD2 
270 N N   . ALA A 41 ? 0.72259 1.01265 0.69466 0.23672  -0.01825 -0.09759 40 ALA A N   
271 C CA  . ALA A 41 ? 0.70407 0.98347 0.68079 0.24570  -0.04382 -0.13425 40 ALA A CA  
272 C C   . ALA A 41 ? 0.76862 1.06432 0.69661 0.29994  -0.05710 -0.14467 40 ALA A C   
273 O O   . ALA A 41 ? 0.75698 1.05303 0.68487 0.31073  -0.07298 -0.15614 40 ALA A O   
274 C CB  . ALA A 41 ? 0.69497 0.95191 0.69818 0.23035  -0.06838 -0.16925 40 ALA A CB  
275 N N   . LYS A 42 ? 0.68943 0.99741 0.57164 0.33854  -0.05049 -0.14006 41 LYS A N   
276 C CA  . LYS A 42 ? 0.78311 1.09628 0.59661 0.39486  -0.06031 -0.14839 41 LYS A CA  
277 C C   . LYS A 42 ? 0.84477 1.17022 0.63416 0.40208  -0.03640 -0.10869 41 LYS A C   
278 O O   . LYS A 42 ? 0.81042 1.12761 0.55999 0.43247  -0.05722 -0.11908 41 LYS A O   
279 C CB  . LYS A 42 ? 0.86950 1.19024 0.63036 0.43992  -0.04828 -0.15004 41 LYS A CB  
280 N N   . LYS A 43 ? 0.78699 1.12655 0.60064 0.37331  0.00186  -0.06256 42 LYS A N   
281 C CA  . LYS A 43 ? 0.76731 1.10608 0.56299 0.37224  0.02252  -0.02247 42 LYS A CA  
282 C C   . LYS A 43 ? 0.78461 1.09846 0.60431 0.35460  -0.00011 -0.03831 42 LYS A C   
283 O O   . LYS A 43 ? 0.84047 1.14498 0.62314 0.38133  -0.00665 -0.02956 42 LYS A O   
284 C CB  . LYS A 43 ? 0.76998 1.12194 0.60117 0.33452  0.05903  0.02682  42 LYS A CB  
285 N N   . LEU A 44 ? 0.74009 1.04226 0.62007 0.31289  -0.00984 -0.05946 43 LEU A N   
286 C CA  . LEU A 44 ? 0.75806 1.04447 0.67129 0.29965  -0.02430 -0.07590 43 LEU A CA  
287 C C   . LEU A 44 ? 0.80781 1.10379 0.71126 0.33903  -0.06290 -0.11051 43 LEU A C   
288 O O   . LEU A 44 ? 0.84521 1.13755 0.74697 0.35648  -0.07399 -0.10821 43 LEU A O   
289 C CB  . LEU A 44 ? 0.67249 0.94652 0.64436 0.25307  -0.02270 -0.09404 43 LEU A CB  
290 C CG  . LEU A 44 ? 0.70732 0.95603 0.68890 0.20941  0.00509  -0.06529 43 LEU A CG  
291 C CD1 . LEU A 44 ? 0.66907 0.89659 0.69185 0.17281  0.00583  -0.08740 43 LEU A CD1 
292 C CD2 . LEU A 44 ? 0.74593 0.97412 0.70549 0.21055  0.02102  -0.03291 43 LEU A CD2 
293 N N   . LYS A 45 ? 0.77711 1.08054 0.67472 0.35431  -0.08932 -0.14424 44 LYS A N   
294 C CA  . LYS A 45 ? 0.81820 1.12486 0.70310 0.39068  -0.13711 -0.18040 44 LYS A CA  
295 C C   . LYS A 45 ? 0.90756 1.20948 0.71190 0.44129  -0.14204 -0.16102 44 LYS A C   
296 O O   . LYS A 45 ? 0.90995 1.21227 0.71841 0.46263  -0.17475 -0.17272 44 LYS A O   
297 C CB  . LYS A 45 ? 0.84215 1.14149 0.71139 0.40274  -0.16541 -0.21732 44 LYS A CB  
298 C CG  . LYS A 45 ? 0.77217 1.06775 0.72269 0.35691  -0.17769 -0.24470 44 LYS A CG  
299 C CD  . LYS A 45 ? 0.82630 1.09987 0.74610 0.37119  -0.20142 -0.27502 44 LYS A CD  
300 N N   . ALA A 46 ? 0.86866 1.16759 0.60248 0.46132  -0.10803 -0.12735 45 ALA A N   
301 C CA  . ALA A 46 ? 0.95432 1.24240 0.59898 0.50944  -0.10501 -0.10161 45 ALA A CA  
302 C C   . ALA A 46 ? 0.99315 1.27058 0.65551 0.49959  -0.09749 -0.07164 45 ALA A C   
303 O O   . ALA A 46 ? 1.03136 1.29347 0.64286 0.53939  -0.12283 -0.06914 45 ALA A O   
304 C CB  . ALA A 46 ? 0.96365 1.25883 0.54634 0.52569  -0.05641 -0.06264 45 ALA A CB  
305 N N   . LEU A 47 ? 0.93641 1.21312 0.66144 0.45034  -0.06586 -0.04898 46 LEU A N   
306 C CA  . LEU A 47 ? 0.94037 1.19504 0.67956 0.44269  -0.05974 -0.02499 46 LEU A CA  
307 C C   . LEU A 47 ? 0.97441 1.23479 0.76364 0.45410  -0.10203 -0.06303 46 LEU A C   
308 O O   . LEU A 47 ? 1.04578 1.29038 0.81718 0.48220  -0.11758 -0.05248 46 LEU A O   
309 C CB  . LEU A 47 ? 0.85273 1.09423 0.63971 0.38803  -0.02257 -0.00005 46 LEU A CB  
310 C CG  . LEU A 47 ? 0.87044 1.10990 0.61938 0.37793  0.01590  0.04909  46 LEU A CG  
311 C CD1 . LEU A 47 ? 0.80186 1.02793 0.60060 0.32099  0.03977  0.06719  46 LEU A CD1 
312 C CD2 . LEU A 47 ? 0.95857 1.17310 0.64023 0.40833  0.02639  0.09229  46 LEU A CD2 
313 N N   . ALA A 48 ? 0.92632 1.21070 0.78500 0.43261  -0.12118 -0.10482 47 ALA A N   
314 C CA  . ALA A 48 ? 0.90996 1.21473 0.83411 0.44287  -0.16307 -0.14093 47 ALA A CA  
315 C C   . ALA A 48 ? 0.97970 1.28194 0.84650 0.49574  -0.21282 -0.15444 47 ALA A C   
316 O O   . ALA A 48 ? 0.99935 1.29634 0.88169 0.50973  -0.23382 -0.15531 47 ALA A O   
317 C CB  . ALA A 48 ? 0.82574 1.15487 0.82909 0.40782  -0.17419 -0.17896 47 ALA A CB  
318 N N   . GLN A 49 ? 0.98440 1.27517 0.77513 0.51585  -0.22510 -0.16525 48 GLN A N   
319 C CA  . GLN A 49 ? 1.12505 1.38850 0.83981 0.55526  -0.26148 -0.17969 48 GLN A CA  
320 C C   . GLN A 49 ? 1.16424 1.39954 0.80273 0.58586  -0.24330 -0.13619 48 GLN A C   
321 O O   . GLN A 49 ? 1.21672 1.43191 0.83034 0.61089  -0.27605 -0.14375 48 GLN A O   
322 C CB  . GLN A 49 ? 1.12679 1.37204 0.76518 0.57653  -0.26673 -0.19989 48 GLN A CB  
323 N N   . GLY A 50 ? 1.20522 1.43604 0.81080 0.58189  -0.19297 -0.08765 49 GLY A N   
324 C CA  . GLY A 50 ? 1.27786 1.47359 0.81036 0.60507  -0.17125 -0.03983 49 GLY A CA  
325 C C   . GLY A 50 ? 1.30449 1.48930 0.89151 0.59616  -0.17449 -0.02304 49 GLY A C   
326 O O   . GLY A 50 ? 1.30993 1.47361 0.88425 0.61875  -0.20378 -0.02776 49 GLY A O   
# 
